data_3EH0
#
_entry.id   3EH0
#
_cell.length_a   157.950
_cell.length_b   94.170
_cell.length_c   103.660
_cell.angle_alpha   90.00
_cell.angle_beta   126.50
_cell.angle_gamma   90.00
#
_symmetry.space_group_name_H-M   'C 1 2 1'
#
loop_
_entity.id
_entity.type
_entity.pdbx_description
1 polymer 'UDP-3-O-[3-hydroxymyristoyl] glucosamine N-acyltransferase'
2 water water
#
_entity_poly.entity_id   1
_entity_poly.type   'polypeptide(L)'
_entity_poly.pdbx_seq_one_letter_code
;MASIRLADLAQQLDAELHGDGDIVITGVASMQSAQTGHITFMVNPKYREHLGLCQASAVVMTQDDLPFAKSAALVVKNPY
LTYARMAQILDTTPQPAQNIAPSAVIDATAKLGNNVSIGANAVIESGVELGDNVIIGAGCFVGKNSKIGAGSRLWANVTI
YHEIQIGQNCLIQSGTVVGADGFGYANDRGNWVKIPQIGRVIIGDRVEIGACTTIDRGALDDTIIGNGVIIDNQCQIAHN
VVIGDNTAVAGGVIMAGSLKIGRYCMIGGASVINGHMEICDKVTVTGMGMVMRPITEPGVYSSGIPLQPNKVWRKTAALV
MNIDDMSKRLKSLERKVNQQD
;
_entity_poly.pdbx_strand_id   A,B,C
#
# COMPACT_ATOMS: atom_id res chain seq x y z
N MET A 1 -33.60 10.54 -23.34
CA MET A 1 -33.07 9.36 -22.68
C MET A 1 -31.77 9.65 -21.90
N ALA A 2 -30.63 9.62 -22.59
CA ALA A 2 -29.34 9.82 -21.94
C ALA A 2 -28.93 11.29 -21.82
N SER A 3 -29.61 12.17 -22.55
CA SER A 3 -29.33 13.61 -22.49
C SER A 3 -30.59 14.44 -22.31
N ILE A 4 -30.44 15.66 -21.81
CA ILE A 4 -31.57 16.57 -21.66
C ILE A 4 -31.27 18.01 -22.15
N ARG A 5 -32.32 18.78 -22.33
CA ARG A 5 -32.24 20.11 -22.92
C ARG A 5 -31.73 21.16 -21.96
N LEU A 6 -31.14 22.21 -22.51
CA LEU A 6 -30.56 23.26 -21.69
C LEU A 6 -31.60 23.96 -20.82
N ALA A 7 -32.70 24.36 -21.43
CA ALA A 7 -33.73 25.10 -20.72
C ALA A 7 -34.17 24.32 -19.49
N ASP A 8 -34.35 23.02 -19.68
CA ASP A 8 -34.78 22.13 -18.61
C ASP A 8 -33.69 22.05 -17.54
N LEU A 9 -32.47 21.83 -18.00
CA LEU A 9 -31.32 21.69 -17.12
C LEU A 9 -31.19 22.93 -16.26
N ALA A 10 -31.17 24.08 -16.93
CA ALA A 10 -30.97 25.33 -16.25
C ALA A 10 -31.93 25.48 -15.09
N GLN A 11 -33.09 24.83 -15.19
CA GLN A 11 -34.16 24.91 -14.17
C GLN A 11 -33.96 23.94 -12.99
N GLN A 12 -33.57 22.70 -13.29
CA GLN A 12 -33.26 21.76 -12.24
C GLN A 12 -32.00 22.18 -11.50
N LEU A 13 -31.09 22.85 -12.23
CA LEU A 13 -29.83 23.30 -11.67
C LEU A 13 -29.88 24.60 -10.86
N ASP A 14 -31.04 25.26 -10.90
CA ASP A 14 -31.24 26.57 -10.25
C ASP A 14 -30.58 27.82 -10.86
N ALA A 15 -30.26 27.77 -12.15
CA ALA A 15 -29.63 28.91 -12.80
C ALA A 15 -30.44 29.67 -13.84
N GLU A 16 -30.05 30.93 -14.07
CA GLU A 16 -30.75 31.81 -14.99
C GLU A 16 -30.41 31.49 -16.44
N LEU A 17 -31.44 31.34 -17.27
CA LEU A 17 -31.27 31.09 -18.69
C LEU A 17 -30.77 32.34 -19.43
N HIS A 18 -29.56 32.26 -19.98
CA HIS A 18 -29.05 33.33 -20.82
C HIS A 18 -28.52 32.75 -22.11
N GLY A 19 -29.36 32.77 -23.14
CA GLY A 19 -29.00 32.22 -24.42
C GLY A 19 -29.90 31.07 -24.81
N ASP A 20 -29.52 30.35 -25.86
CA ASP A 20 -30.30 29.25 -26.43
C ASP A 20 -30.92 28.30 -25.38
N GLY A 21 -32.18 27.96 -25.58
CA GLY A 21 -32.85 27.03 -24.68
C GLY A 21 -32.89 25.59 -25.15
N ASP A 22 -32.57 25.38 -26.42
CA ASP A 22 -32.61 24.05 -27.00
C ASP A 22 -31.33 23.67 -27.73
N ILE A 23 -30.37 23.15 -26.98
CA ILE A 23 -29.30 22.39 -27.58
C ILE A 23 -29.21 21.08 -26.83
N VAL A 24 -28.80 20.04 -27.54
CA VAL A 24 -28.65 18.70 -26.96
C VAL A 24 -27.44 18.71 -26.04
N ILE A 25 -27.67 18.41 -24.76
CA ILE A 25 -26.58 18.38 -23.79
C ILE A 25 -26.17 16.97 -23.36
N THR A 26 -25.16 16.42 -24.02
CA THR A 26 -24.72 15.07 -23.74
C THR A 26 -24.13 14.90 -22.34
N GLY A 27 -23.23 15.81 -21.95
CA GLY A 27 -22.66 15.77 -20.61
C GLY A 27 -21.71 16.91 -20.27
N VAL A 28 -21.11 16.86 -19.10
CA VAL A 28 -20.17 17.88 -18.67
C VAL A 28 -18.79 17.62 -19.26
N ALA A 29 -17.96 18.66 -19.31
CA ALA A 29 -16.58 18.55 -19.79
C ALA A 29 -15.82 19.77 -19.32
N SER A 30 -14.50 19.77 -19.53
CA SER A 30 -13.70 20.92 -19.13
C SER A 30 -13.70 21.96 -20.25
N MET A 31 -13.08 23.11 -20.02
CA MET A 31 -13.00 24.14 -21.05
C MET A 31 -12.08 23.73 -22.18
N GLN A 32 -10.90 23.23 -21.82
CA GLN A 32 -9.90 22.90 -22.80
C GLN A 32 -10.37 21.90 -23.85
N SER A 33 -11.39 21.11 -23.54
CA SER A 33 -11.74 20.02 -24.44
C SER A 33 -13.24 19.84 -24.70
N ALA A 34 -14.06 20.75 -24.19
CA ALA A 34 -15.51 20.64 -24.35
C ALA A 34 -15.90 20.85 -25.81
N GLN A 35 -17.09 20.38 -26.17
CA GLN A 35 -17.56 20.53 -27.54
C GLN A 35 -19.06 20.68 -27.54
N THR A 36 -19.63 20.75 -28.74
CA THR A 36 -21.07 20.82 -28.86
C THR A 36 -21.67 19.64 -28.11
N GLY A 37 -22.70 19.91 -27.33
CA GLY A 37 -23.34 18.88 -26.52
C GLY A 37 -22.85 18.92 -25.09
N HIS A 38 -21.62 19.40 -24.89
CA HIS A 38 -21.01 19.49 -23.58
C HIS A 38 -21.31 20.82 -22.95
N ILE A 39 -21.69 20.78 -21.69
CA ILE A 39 -21.80 21.97 -20.88
C ILE A 39 -20.58 22.02 -19.97
N THR A 40 -19.94 23.18 -19.89
CA THR A 40 -18.81 23.33 -18.99
C THR A 40 -19.13 24.39 -17.97
N PHE A 41 -18.13 24.74 -17.18
CA PHE A 41 -18.27 25.82 -16.25
C PHE A 41 -16.98 26.56 -16.26
N MET A 42 -16.92 27.66 -15.51
CA MET A 42 -15.67 28.35 -15.36
C MET A 42 -15.60 29.07 -14.04
N VAL A 43 -14.93 28.43 -13.09
CA VAL A 43 -14.73 29.00 -11.78
C VAL A 43 -13.60 30.03 -11.76
N ASN A 44 -12.76 30.01 -12.77
CA ASN A 44 -11.63 30.90 -12.83
C ASN A 44 -12.07 32.31 -12.97
N PRO A 45 -11.23 33.21 -12.53
CA PRO A 45 -11.60 34.61 -12.70
C PRO A 45 -11.06 35.15 -14.00
N LYS A 46 -10.04 34.50 -14.53
CA LYS A 46 -9.26 35.05 -15.64
C LYS A 46 -9.38 34.31 -16.97
N TYR A 47 -9.54 32.98 -16.93
CA TYR A 47 -9.70 32.19 -18.15
C TYR A 47 -10.86 32.72 -19.01
N ARG A 48 -11.58 33.72 -18.50
CA ARG A 48 -12.72 34.30 -19.20
C ARG A 48 -12.37 34.74 -20.61
N GLU A 49 -11.13 35.16 -20.79
CA GLU A 49 -10.63 35.55 -22.11
C GLU A 49 -10.72 34.39 -23.09
N HIS A 50 -10.31 33.21 -22.64
CA HIS A 50 -10.21 32.06 -23.53
C HIS A 50 -11.56 31.36 -23.68
N LEU A 51 -12.61 32.04 -23.22
CA LEU A 51 -13.99 31.58 -23.33
C LEU A 51 -14.45 31.41 -24.79
N GLY A 52 -13.89 32.22 -25.68
CA GLY A 52 -14.29 32.21 -27.07
C GLY A 52 -13.77 31.03 -27.87
N LEU A 53 -12.73 30.39 -27.36
CA LEU A 53 -12.11 29.27 -28.07
C LEU A 53 -12.45 27.92 -27.44
N CYS A 54 -13.69 27.77 -27.04
CA CYS A 54 -14.12 26.61 -26.26
C CYS A 54 -14.94 25.57 -27.03
N GLN A 55 -15.76 26.02 -27.97
CA GLN A 55 -16.56 25.12 -28.79
C GLN A 55 -17.73 24.47 -28.04
N ALA A 56 -17.98 24.89 -26.81
CA ALA A 56 -19.01 24.24 -25.98
C ALA A 56 -20.35 24.93 -26.04
N SER A 57 -21.41 24.18 -25.76
CA SER A 57 -22.78 24.66 -25.93
C SER A 57 -23.34 25.43 -24.75
N ALA A 58 -22.65 25.37 -23.61
CA ALA A 58 -23.12 26.09 -22.44
C ALA A 58 -22.03 26.23 -21.39
N VAL A 59 -22.11 27.30 -20.61
CA VAL A 59 -21.12 27.58 -19.59
C VAL A 59 -21.80 28.18 -18.39
N VAL A 60 -21.48 27.66 -17.22
CA VAL A 60 -21.99 28.22 -15.98
C VAL A 60 -21.07 29.34 -15.56
N MET A 61 -21.57 30.30 -14.81
CA MET A 61 -20.88 31.58 -14.78
C MET A 61 -21.35 32.52 -13.68
N THR A 62 -20.48 33.47 -13.34
CA THR A 62 -20.88 34.53 -12.42
C THR A 62 -21.25 35.78 -13.21
N GLN A 63 -22.14 36.58 -12.63
CA GLN A 63 -22.70 37.74 -13.31
C GLN A 63 -21.61 38.72 -13.71
N ASP A 64 -20.44 38.52 -13.14
CA ASP A 64 -19.28 39.39 -13.35
C ASP A 64 -18.48 38.98 -14.61
N ASP A 65 -19.01 38.03 -15.36
CA ASP A 65 -18.38 37.54 -16.58
C ASP A 65 -19.38 37.66 -17.72
N LEU A 66 -20.65 37.69 -17.33
CA LEU A 66 -21.77 37.66 -18.27
C LEU A 66 -21.49 38.42 -19.57
N PRO A 67 -21.02 39.68 -19.47
CA PRO A 67 -20.56 40.39 -20.67
C PRO A 67 -19.59 39.59 -21.56
N PHE A 68 -18.58 38.99 -20.94
CA PHE A 68 -17.55 38.28 -21.69
C PHE A 68 -18.02 36.88 -22.08
N ALA A 69 -19.33 36.65 -22.02
CA ALA A 69 -19.91 35.35 -22.37
C ALA A 69 -19.98 35.15 -23.88
N LYS A 70 -19.20 34.19 -24.38
CA LYS A 70 -19.03 34.02 -25.81
C LYS A 70 -20.10 33.13 -26.43
N SER A 71 -20.77 32.35 -25.60
CA SER A 71 -21.90 31.54 -26.07
C SER A 71 -22.94 31.47 -24.97
N ALA A 72 -23.94 30.61 -25.14
CA ALA A 72 -24.98 30.46 -24.13
C ALA A 72 -24.38 30.23 -22.76
N ALA A 73 -24.95 30.83 -21.74
CA ALA A 73 -24.38 30.74 -20.42
C ALA A 73 -25.45 30.59 -19.34
N LEU A 74 -25.02 30.17 -18.15
CA LEU A 74 -25.89 30.09 -16.99
C LEU A 74 -25.26 30.88 -15.85
N VAL A 75 -26.03 31.78 -15.24
CA VAL A 75 -25.50 32.58 -14.14
C VAL A 75 -25.93 31.98 -12.80
N VAL A 76 -24.97 31.82 -11.89
CA VAL A 76 -25.27 31.32 -10.56
C VAL A 76 -24.42 32.00 -9.52
N LYS A 77 -24.71 31.71 -8.26
CA LYS A 77 -23.93 32.26 -7.14
C LYS A 77 -22.57 31.59 -7.05
N ASN A 78 -22.56 30.26 -7.10
CA ASN A 78 -21.31 29.50 -7.02
C ASN A 78 -21.23 28.47 -8.14
N PRO A 79 -20.35 28.71 -9.11
CA PRO A 79 -20.19 27.82 -10.26
C PRO A 79 -19.74 26.42 -9.85
N TYR A 80 -18.60 26.32 -9.16
CA TYR A 80 -18.06 25.03 -8.74
C TYR A 80 -19.15 24.15 -8.18
N LEU A 81 -20.01 24.76 -7.36
CA LEU A 81 -21.15 24.08 -6.76
C LEU A 81 -22.12 23.54 -7.80
N THR A 82 -22.57 24.39 -8.72
CA THR A 82 -23.53 23.94 -9.71
C THR A 82 -22.87 22.98 -10.68
N TYR A 83 -21.54 23.04 -10.73
CA TYR A 83 -20.79 22.05 -11.48
C TYR A 83 -20.95 20.68 -10.84
N ALA A 84 -20.79 20.63 -9.52
CA ALA A 84 -21.04 19.41 -8.76
C ALA A 84 -22.43 18.87 -9.09
N ARG A 85 -23.42 19.75 -9.07
CA ARG A 85 -24.79 19.35 -9.31
C ARG A 85 -25.00 18.91 -10.76
N MET A 86 -24.34 19.61 -11.68
CA MET A 86 -24.40 19.25 -13.09
C MET A 86 -23.97 17.83 -13.27
N ALA A 87 -22.78 17.56 -12.75
CA ALA A 87 -22.10 16.29 -12.91
C ALA A 87 -22.82 15.23 -12.12
N GLN A 88 -23.29 15.61 -10.94
CA GLN A 88 -24.00 14.68 -10.09
C GLN A 88 -25.18 14.08 -10.87
N ILE A 89 -25.76 14.89 -11.75
CA ILE A 89 -26.97 14.47 -12.46
C ILE A 89 -26.76 14.14 -13.94
N LEU A 90 -25.55 14.30 -14.45
CA LEU A 90 -25.31 14.09 -15.87
C LEU A 90 -24.39 12.94 -16.22
N ASP A 91 -23.71 12.40 -15.20
CA ASP A 91 -22.63 11.44 -15.42
C ASP A 91 -23.07 10.12 -16.05
N THR A 92 -22.17 9.54 -16.85
CA THR A 92 -22.38 8.21 -17.39
C THR A 92 -21.53 7.20 -16.62
N THR A 93 -21.26 7.50 -15.36
CA THR A 93 -20.47 6.61 -14.52
C THR A 93 -21.28 5.36 -14.24
N PRO A 94 -20.87 4.21 -14.81
CA PRO A 94 -21.66 2.99 -14.74
C PRO A 94 -21.80 2.51 -13.30
N GLN A 95 -22.83 1.72 -13.03
CA GLN A 95 -22.97 1.06 -11.74
C GLN A 95 -22.00 -0.14 -11.67
N PRO A 96 -21.40 -0.41 -10.48
CA PRO A 96 -20.47 -1.55 -10.36
C PRO A 96 -21.03 -2.88 -10.91
N ALA A 97 -22.35 -3.01 -10.94
CA ALA A 97 -23.08 -4.16 -11.50
C ALA A 97 -24.51 -3.71 -11.83
N GLN A 98 -25.27 -4.59 -12.49
CA GLN A 98 -26.72 -4.36 -12.67
C GLN A 98 -27.55 -5.66 -12.70
N ASN A 99 -28.35 -5.86 -11.66
CA ASN A 99 -28.98 -7.14 -11.40
C ASN A 99 -27.98 -8.24 -11.06
N ILE A 100 -28.45 -9.48 -10.97
CA ILE A 100 -27.61 -10.55 -10.46
C ILE A 100 -27.03 -11.42 -11.54
N ALA A 101 -25.71 -11.55 -11.54
CA ALA A 101 -25.01 -12.27 -12.57
C ALA A 101 -25.05 -13.76 -12.35
N PRO A 102 -25.17 -14.53 -13.45
CA PRO A 102 -25.25 -16.01 -13.38
C PRO A 102 -24.07 -16.67 -12.67
N SER A 103 -22.89 -16.06 -12.74
CA SER A 103 -21.69 -16.66 -12.19
C SER A 103 -21.40 -16.21 -10.75
N ALA A 104 -22.22 -15.30 -10.24
CA ALA A 104 -22.10 -14.92 -8.85
C ALA A 104 -22.49 -16.13 -8.01
N VAL A 105 -21.72 -16.38 -6.96
CA VAL A 105 -21.98 -17.48 -6.06
C VAL A 105 -22.62 -16.94 -4.78
N ILE A 106 -23.88 -17.30 -4.58
CA ILE A 106 -24.66 -16.86 -3.44
C ILE A 106 -25.15 -18.03 -2.61
N ASP A 107 -24.73 -18.03 -1.36
CA ASP A 107 -25.19 -19.03 -0.42
C ASP A 107 -26.71 -18.93 -0.22
N ALA A 108 -27.32 -20.09 -0.04
CA ALA A 108 -28.76 -20.17 0.05
C ALA A 108 -29.33 -19.39 1.25
N THR A 109 -28.55 -19.28 2.32
CA THR A 109 -29.03 -18.54 3.51
C THR A 109 -28.78 -17.02 3.51
N ALA A 110 -28.26 -16.48 2.41
CA ALA A 110 -27.96 -15.05 2.34
C ALA A 110 -29.25 -14.30 2.09
N LYS A 111 -29.35 -13.07 2.61
CA LYS A 111 -30.56 -12.27 2.43
C LYS A 111 -30.38 -11.03 1.53
N LEU A 112 -31.24 -10.88 0.52
CA LEU A 112 -31.14 -9.80 -0.43
C LEU A 112 -32.41 -8.95 -0.44
N GLY A 113 -32.26 -7.64 -0.29
CA GLY A 113 -33.39 -6.75 -0.41
C GLY A 113 -33.81 -6.57 -1.85
N ASN A 114 -34.67 -5.57 -2.11
CA ASN A 114 -35.12 -5.31 -3.47
C ASN A 114 -34.05 -4.67 -4.33
N ASN A 115 -34.07 -4.98 -5.62
N ASN A 115 -34.01 -5.09 -5.59
CA ASN A 115 -33.14 -4.37 -6.56
CA ASN A 115 -33.19 -4.45 -6.60
C ASN A 115 -31.70 -4.31 -6.06
C ASN A 115 -31.68 -4.41 -6.31
N VAL A 116 -31.15 -5.45 -5.65
CA VAL A 116 -29.70 -5.52 -5.38
C VAL A 116 -29.02 -6.10 -6.61
N SER A 117 -27.82 -5.61 -6.90
CA SER A 117 -27.05 -6.10 -8.05
C SER A 117 -25.84 -6.82 -7.53
N ILE A 118 -25.49 -7.94 -8.16
CA ILE A 118 -24.28 -8.67 -7.86
C ILE A 118 -23.50 -8.99 -9.14
N GLY A 119 -22.20 -8.71 -9.12
CA GLY A 119 -21.43 -8.82 -10.34
C GLY A 119 -20.88 -10.22 -10.53
N ALA A 120 -20.26 -10.47 -11.69
CA ALA A 120 -19.72 -11.78 -12.03
C ALA A 120 -18.68 -12.29 -11.03
N ASN A 121 -18.79 -13.56 -10.64
CA ASN A 121 -17.81 -14.23 -9.77
C ASN A 121 -17.71 -13.68 -8.37
N ALA A 122 -18.70 -12.88 -7.99
CA ALA A 122 -18.75 -12.37 -6.65
C ALA A 122 -19.20 -13.52 -5.75
N VAL A 123 -18.59 -13.61 -4.57
CA VAL A 123 -18.91 -14.67 -3.66
C VAL A 123 -19.53 -14.12 -2.37
N ILE A 124 -20.75 -14.57 -2.11
CA ILE A 124 -21.51 -14.14 -0.95
C ILE A 124 -21.69 -15.33 -0.02
N GLU A 125 -21.11 -15.22 1.18
CA GLU A 125 -21.08 -16.32 2.13
C GLU A 125 -22.41 -16.48 2.83
N SER A 126 -22.50 -17.51 3.66
CA SER A 126 -23.68 -17.78 4.43
C SER A 126 -23.97 -16.65 5.39
N GLY A 127 -25.25 -16.45 5.63
CA GLY A 127 -25.69 -15.55 6.67
C GLY A 127 -25.57 -14.08 6.33
N VAL A 128 -25.15 -13.75 5.12
CA VAL A 128 -24.92 -12.36 4.73
C VAL A 128 -26.22 -11.59 4.44
N GLU A 129 -26.22 -10.30 4.74
CA GLU A 129 -27.40 -9.44 4.51
C GLU A 129 -27.12 -8.22 3.64
N LEU A 130 -27.86 -8.09 2.57
CA LEU A 130 -27.72 -6.99 1.64
C LEU A 130 -29.01 -6.18 1.58
N GLY A 131 -28.91 -4.91 1.93
CA GLY A 131 -30.07 -4.06 1.97
C GLY A 131 -30.50 -3.69 0.57
N ASP A 132 -31.59 -2.96 0.50
CA ASP A 132 -32.11 -2.50 -0.76
C ASP A 132 -31.08 -1.74 -1.56
N ASN A 133 -31.14 -1.91 -2.86
CA ASN A 133 -30.30 -1.17 -3.80
C ASN A 133 -28.79 -1.38 -3.64
N VAL A 134 -28.40 -2.31 -2.78
CA VAL A 134 -27.00 -2.61 -2.62
C VAL A 134 -26.43 -3.12 -3.96
N ILE A 135 -25.18 -2.76 -4.22
CA ILE A 135 -24.48 -3.22 -5.39
C ILE A 135 -23.13 -3.81 -4.99
N ILE A 136 -22.91 -5.08 -5.32
CA ILE A 136 -21.64 -5.75 -5.11
C ILE A 136 -20.96 -5.90 -6.46
N GLY A 137 -19.73 -5.40 -6.56
CA GLY A 137 -19.00 -5.47 -7.81
C GLY A 137 -18.51 -6.87 -8.18
N ALA A 138 -18.02 -6.99 -9.40
CA ALA A 138 -17.42 -8.21 -9.90
C ALA A 138 -16.20 -8.69 -9.04
N GLY A 139 -16.14 -10.00 -8.74
CA GLY A 139 -15.06 -10.60 -7.98
C GLY A 139 -14.99 -10.35 -6.47
N CYS A 140 -15.95 -9.58 -5.93
CA CYS A 140 -16.01 -9.28 -4.50
C CYS A 140 -16.22 -10.53 -3.65
N PHE A 141 -15.70 -10.48 -2.44
CA PHE A 141 -15.96 -11.52 -1.48
C PHE A 141 -16.61 -10.88 -0.25
N VAL A 142 -17.77 -11.40 0.11
CA VAL A 142 -18.40 -10.99 1.36
C VAL A 142 -18.50 -12.19 2.31
N GLY A 143 -17.91 -12.03 3.48
CA GLY A 143 -17.75 -13.11 4.44
C GLY A 143 -19.00 -13.44 5.25
N LYS A 144 -18.93 -14.54 5.98
CA LYS A 144 -20.04 -15.01 6.80
C LYS A 144 -20.66 -13.93 7.70
N ASN A 145 -21.98 -13.83 7.61
CA ASN A 145 -22.79 -13.02 8.55
C ASN A 145 -22.59 -11.53 8.42
N SER A 146 -21.91 -11.10 7.38
CA SER A 146 -21.67 -9.69 7.23
C SER A 146 -22.94 -8.91 6.80
N LYS A 147 -23.04 -7.65 7.24
CA LYS A 147 -24.19 -6.82 6.88
C LYS A 147 -23.81 -5.55 6.10
N ILE A 148 -24.46 -5.38 4.96
CA ILE A 148 -24.20 -4.22 4.13
C ILE A 148 -25.47 -3.41 3.90
N GLY A 149 -25.53 -2.22 4.49
CA GLY A 149 -26.73 -1.41 4.44
C GLY A 149 -27.15 -0.94 3.05
N ALA A 150 -28.37 -0.43 2.98
CA ALA A 150 -28.98 -0.09 1.69
C ALA A 150 -28.28 1.09 1.02
N GLY A 151 -28.27 1.09 -0.30
CA GLY A 151 -27.62 2.14 -1.07
C GLY A 151 -26.10 1.94 -1.19
N SER A 152 -25.55 0.99 -0.44
CA SER A 152 -24.11 0.81 -0.40
C SER A 152 -23.54 0.10 -1.64
N ARG A 153 -22.34 0.53 -2.06
CA ARG A 153 -21.71 0.04 -3.29
C ARG A 153 -20.29 -0.43 -3.08
N LEU A 154 -20.01 -1.67 -3.43
CA LEU A 154 -18.65 -2.13 -3.45
C LEU A 154 -18.32 -2.22 -4.91
N TRP A 155 -17.16 -1.68 -5.27
CA TRP A 155 -16.67 -1.83 -6.62
C TRP A 155 -16.01 -3.18 -6.74
N ALA A 156 -15.54 -3.51 -7.95
CA ALA A 156 -14.94 -4.82 -8.19
C ALA A 156 -13.82 -5.16 -7.23
N ASN A 157 -13.76 -6.43 -6.88
CA ASN A 157 -12.62 -7.01 -6.17
C ASN A 157 -12.38 -6.38 -4.81
N VAL A 158 -13.45 -6.24 -4.03
CA VAL A 158 -13.34 -5.81 -2.65
C VAL A 158 -13.54 -7.03 -1.74
N THR A 159 -12.78 -7.13 -0.68
CA THR A 159 -12.92 -8.25 0.24
C THR A 159 -13.46 -7.78 1.57
N ILE A 160 -14.60 -8.31 1.97
CA ILE A 160 -15.22 -7.98 3.24
C ILE A 160 -15.13 -9.25 4.02
N TYR A 161 -14.59 -9.22 5.21
CA TYR A 161 -14.53 -10.43 5.97
C TYR A 161 -15.84 -10.81 6.69
N HIS A 162 -15.80 -11.84 7.56
CA HIS A 162 -16.97 -12.27 8.29
C HIS A 162 -17.30 -11.28 9.35
N GLU A 163 -18.57 -11.23 9.76
CA GLU A 163 -19.05 -10.34 10.85
C GLU A 163 -18.69 -8.89 10.63
N ILE A 164 -18.73 -8.42 9.39
CA ILE A 164 -18.44 -7.02 9.15
C ILE A 164 -19.76 -6.29 8.96
N GLN A 165 -19.87 -5.14 9.58
CA GLN A 165 -21.08 -4.36 9.46
C GLN A 165 -20.82 -3.03 8.77
N ILE A 166 -21.48 -2.82 7.64
CA ILE A 166 -21.35 -1.60 6.86
C ILE A 166 -22.70 -0.93 6.77
N GLY A 167 -22.72 0.39 6.94
CA GLY A 167 -23.94 1.17 6.99
C GLY A 167 -24.55 1.44 5.64
N GLN A 168 -25.17 2.60 5.50
CA GLN A 168 -26.00 2.97 4.34
C GLN A 168 -25.34 4.00 3.45
N ASN A 169 -25.56 3.88 2.14
CA ASN A 169 -24.97 4.84 1.18
C ASN A 169 -23.42 4.97 1.23
N CYS A 170 -22.74 3.89 1.61
CA CYS A 170 -21.29 3.88 1.64
C CYS A 170 -20.73 3.46 0.32
N LEU A 171 -19.47 3.79 0.08
CA LEU A 171 -18.85 3.45 -1.18
C LEU A 171 -17.43 2.92 -0.99
N ILE A 172 -17.16 1.69 -1.41
CA ILE A 172 -15.83 1.11 -1.27
C ILE A 172 -15.22 0.78 -2.62
N GLN A 173 -14.10 1.45 -2.94
CA GLN A 173 -13.37 1.20 -4.17
C GLN A 173 -12.68 -0.18 -4.19
N SER A 174 -12.23 -0.57 -5.37
CA SER A 174 -11.56 -1.86 -5.57
C SER A 174 -10.26 -2.09 -4.77
N GLY A 175 -10.03 -3.35 -4.42
CA GLY A 175 -8.75 -3.81 -3.92
C GLY A 175 -8.73 -3.81 -2.41
N THR A 176 -9.68 -3.05 -1.86
CA THR A 176 -9.81 -2.86 -0.43
C THR A 176 -10.20 -4.11 0.35
N VAL A 177 -9.69 -4.17 1.57
CA VAL A 177 -9.82 -5.35 2.40
C VAL A 177 -10.30 -4.92 3.77
N VAL A 178 -11.45 -5.43 4.19
CA VAL A 178 -12.09 -4.98 5.42
C VAL A 178 -12.34 -6.13 6.37
N GLY A 179 -11.74 -6.00 7.55
CA GLY A 179 -11.90 -6.94 8.64
C GLY A 179 -10.90 -8.07 8.70
N ALA A 180 -9.69 -7.85 8.18
CA ALA A 180 -8.58 -8.82 8.28
C ALA A 180 -8.03 -8.86 9.72
N ASP A 181 -7.38 -9.94 10.09
CA ASP A 181 -6.86 -10.07 11.46
C ASP A 181 -5.88 -8.98 11.78
N GLY A 182 -6.04 -8.37 12.95
CA GLY A 182 -5.12 -7.36 13.39
C GLY A 182 -3.80 -8.01 13.72
N PHE A 183 -2.77 -7.20 13.85
CA PHE A 183 -1.43 -7.66 14.16
C PHE A 183 -1.29 -7.96 15.67
N GLY A 184 -1.91 -9.03 16.13
CA GLY A 184 -1.88 -9.40 17.54
C GLY A 184 -1.20 -10.74 17.87
N TYR A 185 -0.04 -10.63 18.51
CA TYR A 185 0.72 -11.81 18.86
C TYR A 185 1.32 -11.64 20.22
N ALA A 186 1.26 -12.72 20.98
CA ALA A 186 1.98 -12.82 22.21
C ALA A 186 3.33 -13.44 21.87
N ASN A 187 4.37 -12.96 22.53
CA ASN A 187 5.71 -13.50 22.41
C ASN A 187 6.01 -14.50 23.53
N ASP A 188 6.26 -15.74 23.17
CA ASP A 188 6.51 -16.80 24.15
C ASP A 188 7.88 -17.44 23.89
N ARG A 189 8.91 -16.95 24.55
CA ARG A 189 10.26 -17.47 24.32
C ARG A 189 10.77 -17.03 22.94
N GLY A 190 10.43 -15.80 22.55
CA GLY A 190 10.82 -15.24 21.26
C GLY A 190 9.99 -15.74 20.07
N ASN A 191 9.14 -16.74 20.31
CA ASN A 191 8.14 -17.17 19.34
C ASN A 191 6.84 -16.39 19.47
N TRP A 192 6.34 -15.91 18.34
CA TRP A 192 5.09 -15.19 18.30
C TRP A 192 3.96 -16.20 18.34
N VAL A 193 2.99 -15.96 19.21
CA VAL A 193 1.87 -16.86 19.37
C VAL A 193 0.67 -16.09 18.90
N LYS A 194 -0.13 -16.67 18.03
CA LYS A 194 -1.17 -15.87 17.40
C LYS A 194 -2.37 -15.67 18.31
N ILE A 195 -2.72 -14.42 18.54
CA ILE A 195 -3.97 -14.14 19.21
C ILE A 195 -5.08 -14.04 18.19
N PRO A 196 -6.10 -14.92 18.25
CA PRO A 196 -7.21 -14.70 17.32
C PRO A 196 -7.86 -13.33 17.53
N GLN A 197 -8.39 -12.79 16.45
CA GLN A 197 -8.91 -11.45 16.41
C GLN A 197 -10.39 -11.62 16.22
N ILE A 198 -11.14 -11.49 17.31
CA ILE A 198 -12.52 -11.95 17.29
C ILE A 198 -13.51 -10.80 17.40
N GLY A 199 -13.01 -9.58 17.33
CA GLY A 199 -13.86 -8.42 17.19
C GLY A 199 -14.23 -8.21 15.72
N ARG A 200 -14.96 -7.14 15.43
CA ARG A 200 -15.37 -6.88 14.06
C ARG A 200 -14.93 -5.49 13.59
N VAL A 201 -15.27 -5.15 12.35
CA VAL A 201 -15.30 -3.76 11.92
C VAL A 201 -16.75 -3.26 11.85
N ILE A 202 -17.02 -2.10 12.43
CA ILE A 202 -18.31 -1.49 12.29
C ILE A 202 -18.10 -0.22 11.49
N ILE A 203 -18.81 -0.09 10.38
CA ILE A 203 -18.68 1.11 9.55
C ILE A 203 -20.01 1.84 9.38
N GLY A 204 -20.02 3.13 9.65
CA GLY A 204 -21.26 3.89 9.63
C GLY A 204 -21.90 4.20 8.27
N ASP A 205 -22.67 5.27 8.25
CA ASP A 205 -23.34 5.68 7.03
C ASP A 205 -22.47 6.67 6.30
N ARG A 206 -22.74 6.81 5.01
CA ARG A 206 -22.07 7.78 4.18
C ARG A 206 -20.52 7.69 4.15
N VAL A 207 -19.99 6.49 4.40
CA VAL A 207 -18.55 6.32 4.39
C VAL A 207 -18.00 6.01 2.99
N GLU A 208 -16.91 6.67 2.66
CA GLU A 208 -16.27 6.45 1.39
C GLU A 208 -14.85 6.00 1.58
N ILE A 209 -14.56 4.82 1.07
CA ILE A 209 -13.24 4.20 1.21
C ILE A 209 -12.59 3.90 -0.13
N GLY A 210 -11.38 4.42 -0.34
CA GLY A 210 -10.65 4.22 -1.56
C GLY A 210 -10.02 2.86 -1.80
N ALA A 211 -9.09 2.78 -2.74
CA ALA A 211 -8.62 1.52 -3.28
C ALA A 211 -7.38 1.03 -2.58
N CYS A 212 -7.31 -0.27 -2.35
CA CYS A 212 -6.16 -0.92 -1.72
C CYS A 212 -5.97 -0.42 -0.32
N THR A 213 -7.06 -0.11 0.34
CA THR A 213 -7.00 0.21 1.75
C THR A 213 -7.19 -1.08 2.59
N THR A 214 -6.63 -1.10 3.78
CA THR A 214 -6.83 -2.24 4.66
C THR A 214 -7.44 -1.73 5.97
N ILE A 215 -8.56 -2.31 6.39
CA ILE A 215 -9.13 -1.97 7.68
C ILE A 215 -9.26 -3.22 8.55
N ASP A 216 -8.50 -3.26 9.65
CA ASP A 216 -8.41 -4.47 10.45
C ASP A 216 -9.51 -4.64 11.49
N ARG A 217 -9.82 -5.86 11.79
CA ARG A 217 -10.68 -6.14 12.91
C ARG A 217 -9.98 -6.03 14.26
N GLY A 218 -10.81 -5.83 15.28
CA GLY A 218 -10.38 -5.68 16.63
C GLY A 218 -10.04 -7.02 17.17
N ALA A 219 -9.28 -7.09 18.25
CA ALA A 219 -8.89 -8.34 18.88
C ALA A 219 -10.06 -8.94 19.55
N LEU A 220 -10.76 -8.07 20.24
CA LEU A 220 -11.81 -8.50 21.10
C LEU A 220 -13.03 -7.64 20.96
N ASP A 221 -12.85 -6.34 21.14
CA ASP A 221 -13.84 -5.34 20.80
C ASP A 221 -13.61 -4.80 19.40
N ASP A 222 -14.36 -3.80 19.00
CA ASP A 222 -14.48 -3.53 17.58
C ASP A 222 -13.57 -2.45 16.97
N THR A 223 -13.37 -2.52 15.66
CA THR A 223 -12.82 -1.35 14.93
C THR A 223 -13.98 -0.52 14.39
N ILE A 224 -13.94 0.77 14.65
CA ILE A 224 -15.07 1.58 14.29
C ILE A 224 -14.73 2.77 13.42
N ILE A 225 -15.47 2.89 12.32
CA ILE A 225 -15.38 4.02 11.38
C ILE A 225 -16.69 4.78 11.42
N GLY A 226 -16.64 6.04 11.85
CA GLY A 226 -17.86 6.80 12.04
C GLY A 226 -18.53 7.30 10.78
N ASN A 227 -19.74 7.82 10.90
CA ASN A 227 -20.49 8.33 9.77
C ASN A 227 -19.77 9.44 9.03
N GLY A 228 -19.89 9.39 7.72
CA GLY A 228 -19.40 10.45 6.87
C GLY A 228 -17.90 10.53 6.81
N VAL A 229 -17.23 9.46 7.20
CA VAL A 229 -15.78 9.44 7.11
C VAL A 229 -15.31 9.20 5.68
N ILE A 230 -14.28 9.93 5.27
CA ILE A 230 -13.63 9.55 4.01
C ILE A 230 -12.17 9.14 4.20
N ILE A 231 -11.81 8.02 3.61
CA ILE A 231 -10.46 7.48 3.69
C ILE A 231 -10.01 7.12 2.31
N ASP A 232 -8.87 7.63 1.89
CA ASP A 232 -8.47 7.49 0.50
C ASP A 232 -7.45 6.32 0.29
N ASN A 233 -6.86 6.19 -0.90
CA ASN A 233 -6.04 5.00 -1.20
C ASN A 233 -4.89 4.57 -0.28
N GLN A 234 -4.65 3.26 -0.25
CA GLN A 234 -3.46 2.72 0.37
C GLN A 234 -3.35 2.99 1.87
N CYS A 235 -4.47 3.22 2.55
CA CYS A 235 -4.41 3.50 3.97
C CYS A 235 -4.33 2.21 4.77
N GLN A 236 -3.70 2.28 5.93
CA GLN A 236 -3.77 1.18 6.87
C GLN A 236 -4.38 1.63 8.19
N ILE A 237 -5.49 1.02 8.54
CA ILE A 237 -6.16 1.27 9.79
C ILE A 237 -6.11 -0.02 10.58
N ALA A 238 -5.43 0.02 11.72
CA ALA A 238 -5.18 -1.18 12.54
C ALA A 238 -6.33 -1.56 13.47
N HIS A 239 -6.22 -2.65 14.15
CA HIS A 239 -7.30 -3.10 14.96
C HIS A 239 -7.58 -2.12 16.04
N ASN A 240 -8.85 -2.01 16.35
CA ASN A 240 -9.34 -1.25 17.44
C ASN A 240 -9.22 0.20 17.32
N VAL A 241 -9.05 0.70 16.13
CA VAL A 241 -8.92 2.09 15.89
C VAL A 241 -10.31 2.62 15.74
N VAL A 242 -10.52 3.82 16.21
CA VAL A 242 -11.83 4.41 16.25
C VAL A 242 -11.70 5.78 15.64
N ILE A 243 -12.43 5.96 14.56
CA ILE A 243 -12.39 7.18 13.78
C ILE A 243 -13.75 7.85 13.79
N GLY A 244 -13.85 8.96 14.50
CA GLY A 244 -15.10 9.72 14.60
C GLY A 244 -15.65 10.40 13.35
N ASP A 245 -16.92 10.76 13.44
CA ASP A 245 -17.73 11.27 12.35
C ASP A 245 -17.02 12.32 11.53
N ASN A 246 -17.11 12.19 10.21
CA ASN A 246 -16.70 13.25 9.30
C ASN A 246 -15.24 13.52 9.27
N THR A 247 -14.43 12.56 9.70
CA THR A 247 -13.02 12.76 9.62
C THR A 247 -12.53 12.40 8.21
N ALA A 248 -11.49 13.09 7.77
CA ALA A 248 -10.94 12.80 6.48
C ALA A 248 -9.50 12.34 6.59
N VAL A 249 -9.18 11.26 5.91
CA VAL A 249 -7.85 10.72 5.97
C VAL A 249 -7.36 10.65 4.56
N ALA A 250 -6.28 11.35 4.25
CA ALA A 250 -5.76 11.27 2.88
C ALA A 250 -4.87 10.02 2.61
N GLY A 251 -4.37 9.89 1.39
CA GLY A 251 -3.75 8.66 0.96
C GLY A 251 -2.62 8.10 1.80
N GLY A 252 -2.67 6.80 2.00
CA GLY A 252 -1.52 6.10 2.54
C GLY A 252 -1.10 6.54 3.92
N VAL A 253 -2.04 7.03 4.72
CA VAL A 253 -1.86 7.22 6.15
C VAL A 253 -1.76 5.87 6.86
N ILE A 254 -1.02 5.83 7.97
CA ILE A 254 -0.90 4.63 8.77
C ILE A 254 -1.41 4.87 10.16
N MET A 255 -2.38 4.08 10.59
CA MET A 255 -2.88 4.19 11.94
C MET A 255 -2.61 2.93 12.71
N ALA A 256 -1.81 3.08 13.76
CA ALA A 256 -1.48 1.98 14.66
C ALA A 256 -2.68 1.55 15.52
N GLY A 257 -2.60 0.34 16.05
CA GLY A 257 -3.67 -0.24 16.84
C GLY A 257 -4.17 0.62 17.99
N SER A 258 -5.49 0.60 18.20
CA SER A 258 -6.11 1.24 19.35
C SER A 258 -5.86 2.75 19.42
N LEU A 259 -5.76 3.38 18.26
CA LEU A 259 -5.76 4.84 18.16
C LEU A 259 -7.20 5.38 18.08
N LYS A 260 -7.44 6.50 18.76
CA LYS A 260 -8.75 7.13 18.72
C LYS A 260 -8.63 8.52 18.15
N ILE A 261 -9.35 8.78 17.06
CA ILE A 261 -9.33 10.08 16.45
C ILE A 261 -10.73 10.66 16.52
N GLY A 262 -10.84 11.87 17.04
CA GLY A 262 -12.13 12.51 17.19
C GLY A 262 -12.72 12.96 15.86
N ARG A 263 -13.51 13.45 15.94
CA ARG A 263 -14.41 13.75 14.84
C ARG A 263 -14.08 15.02 14.07
N TYR A 264 -14.42 15.23 12.83
CA TYR A 264 -13.87 16.38 12.14
C TYR A 264 -12.37 16.59 12.04
N CYS A 265 -11.59 15.55 11.88
CA CYS A 265 -10.17 15.68 11.70
C CYS A 265 -9.81 15.61 10.22
N MET A 266 -8.62 16.14 9.92
CA MET A 266 -8.07 16.14 8.58
C MET A 266 -6.62 15.69 8.65
N ILE A 267 -6.38 14.47 8.20
CA ILE A 267 -5.07 13.84 8.32
C ILE A 267 -4.45 13.69 6.96
N GLY A 268 -3.43 14.49 6.72
CA GLY A 268 -2.72 14.51 5.46
C GLY A 268 -1.95 13.25 5.09
N GLY A 269 -1.71 13.10 3.80
CA GLY A 269 -1.09 11.91 3.24
C GLY A 269 0.20 11.49 3.92
N ALA A 270 0.41 10.17 3.94
CA ALA A 270 1.64 9.59 4.47
C ALA A 270 1.93 10.01 5.93
N SER A 271 0.89 10.45 6.66
CA SER A 271 1.06 10.63 8.10
C SER A 271 1.15 9.28 8.79
N VAL A 272 1.90 9.21 9.88
CA VAL A 272 2.03 7.97 10.61
C VAL A 272 1.68 8.21 12.04
N ILE A 273 0.74 7.44 12.56
CA ILE A 273 0.17 7.76 13.85
C ILE A 273 0.31 6.58 14.81
N ASN A 274 1.05 6.80 15.88
CA ASN A 274 1.24 5.86 16.98
C ASN A 274 -0.06 5.31 17.63
N GLY A 275 -0.02 4.09 18.16
CA GLY A 275 -1.19 3.48 18.73
C GLY A 275 -1.47 3.85 20.18
N HIS A 276 -2.62 3.35 20.68
CA HIS A 276 -3.05 3.51 22.09
C HIS A 276 -2.98 4.95 22.54
N MET A 277 -3.76 5.80 21.89
CA MET A 277 -3.58 7.23 21.96
C MET A 277 -4.88 7.87 21.50
N GLU A 278 -5.04 9.15 21.81
CA GLU A 278 -6.22 9.89 21.42
C GLU A 278 -5.84 11.15 20.63
N ILE A 279 -6.55 11.43 19.56
CA ILE A 279 -6.43 12.71 18.92
C ILE A 279 -7.80 13.39 19.05
N CYS A 280 -7.88 14.53 19.73
CA CYS A 280 -9.19 15.17 19.91
C CYS A 280 -9.80 15.70 18.61
N ASP A 281 -11.02 16.23 18.72
CA ASP A 281 -11.73 16.76 17.59
C ASP A 281 -10.99 17.90 16.90
N LYS A 282 -11.25 18.06 15.61
CA LYS A 282 -10.76 19.22 14.87
C LYS A 282 -9.23 19.32 14.92
N VAL A 283 -8.58 18.19 14.76
CA VAL A 283 -7.17 18.23 14.56
C VAL A 283 -6.86 18.01 13.06
N THR A 284 -6.01 18.89 12.56
CA THR A 284 -5.47 18.74 11.24
C THR A 284 -4.00 18.40 11.42
N VAL A 285 -3.55 17.38 10.72
CA VAL A 285 -2.14 17.03 10.71
C VAL A 285 -1.70 17.18 9.28
N THR A 286 -0.83 18.12 8.98
CA THR A 286 -0.29 18.21 7.63
C THR A 286 0.50 16.95 7.23
N GLY A 287 0.77 16.80 5.94
CA GLY A 287 1.27 15.55 5.42
C GLY A 287 2.63 15.06 5.90
N MET A 288 2.80 13.75 5.86
CA MET A 288 3.97 13.09 6.42
C MET A 288 4.20 13.48 7.86
N GLY A 289 3.10 13.72 8.55
CA GLY A 289 3.11 13.91 9.97
C GLY A 289 3.56 12.66 10.72
N MET A 290 4.45 12.89 11.68
CA MET A 290 4.95 11.85 12.57
C MET A 290 4.35 12.11 13.94
N VAL A 291 3.22 11.46 14.20
CA VAL A 291 2.45 11.69 15.40
C VAL A 291 2.74 10.59 16.41
N MET A 292 3.49 10.91 17.44
CA MET A 292 3.76 9.93 18.47
C MET A 292 3.32 10.26 19.84
N ARG A 293 2.89 11.48 20.07
CA ARG A 293 2.28 11.87 21.33
C ARG A 293 0.82 12.29 21.11
N PRO A 294 -0.04 12.10 22.13
CA PRO A 294 -1.45 12.43 21.96
C PRO A 294 -1.65 13.91 21.70
N ILE A 295 -2.75 14.24 21.04
CA ILE A 295 -3.08 15.61 20.72
C ILE A 295 -4.32 16.00 21.53
N THR A 296 -4.18 17.01 22.38
CA THR A 296 -5.25 17.35 23.30
C THR A 296 -5.92 18.69 22.94
N GLU A 297 -5.26 19.46 22.09
CA GLU A 297 -5.71 20.79 21.71
C GLU A 297 -6.10 20.81 20.24
N PRO A 298 -7.32 21.25 19.93
CA PRO A 298 -7.58 21.44 18.50
C PRO A 298 -6.54 22.34 17.79
N GLY A 299 -6.44 22.19 16.48
CA GLY A 299 -5.48 22.96 15.72
C GLY A 299 -4.75 22.21 14.61
N VAL A 300 -3.72 22.87 14.06
CA VAL A 300 -2.94 22.37 12.93
C VAL A 300 -1.55 21.95 13.37
N TYR A 301 -1.15 20.75 13.04
CA TYR A 301 0.09 20.23 13.55
C TYR A 301 0.94 19.73 12.41
N SER A 302 2.25 19.91 12.53
CA SER A 302 3.10 19.51 11.43
C SER A 302 4.46 18.93 11.87
N SER A 303 5.12 18.25 10.94
CA SER A 303 6.48 17.79 11.13
C SER A 303 7.12 17.62 9.77
N GLY A 304 8.41 17.30 9.79
CA GLY A 304 9.17 17.14 8.56
C GLY A 304 10.10 18.30 8.25
N ILE A 305 11.23 17.96 7.64
CA ILE A 305 12.13 18.96 7.08
C ILE A 305 12.06 18.89 5.57
N PRO A 306 11.55 19.95 4.93
CA PRO A 306 11.35 19.98 3.48
C PRO A 306 12.62 19.67 2.65
N LEU A 307 12.38 19.41 1.39
CA LEU A 307 13.42 19.02 0.43
C LEU A 307 14.50 20.10 0.28
N GLN A 308 15.73 19.66 0.03
CA GLN A 308 16.79 20.59 -0.28
C GLN A 308 17.62 19.96 -1.36
N PRO A 309 18.35 20.78 -2.12
CA PRO A 309 19.35 20.25 -3.05
C PRO A 309 20.26 19.29 -2.30
N ASN A 310 20.59 18.17 -2.91
CA ASN A 310 21.37 17.15 -2.24
C ASN A 310 22.63 17.69 -1.60
N LYS A 311 23.30 18.57 -2.32
CA LYS A 311 24.54 19.13 -1.84
C LYS A 311 24.25 19.79 -0.49
N VAL A 312 23.16 20.55 -0.44
CA VAL A 312 22.85 21.35 0.75
C VAL A 312 22.37 20.44 1.88
N TRP A 313 21.61 19.41 1.50
CA TRP A 313 21.06 18.46 2.43
C TRP A 313 22.14 17.63 3.15
N ARG A 314 23.14 17.16 2.41
CA ARG A 314 24.26 16.44 3.02
C ARG A 314 24.79 17.25 4.20
N LYS A 315 24.92 18.54 3.99
CA LYS A 315 25.44 19.41 5.02
C LYS A 315 24.41 19.50 6.13
N THR A 316 23.16 19.83 5.81
CA THR A 316 22.13 19.94 6.86
C THR A 316 22.00 18.67 7.74
N ALA A 317 21.93 17.51 7.11
CA ALA A 317 21.89 16.26 7.83
C ALA A 317 23.01 16.18 8.89
N ALA A 318 24.24 16.34 8.44
CA ALA A 318 25.43 16.18 9.28
C ALA A 318 25.46 17.11 10.48
N LEU A 319 25.08 18.35 10.29
CA LEU A 319 25.12 19.29 11.38
C LEU A 319 24.06 18.93 12.39
N VAL A 320 22.90 18.53 11.88
CA VAL A 320 21.78 18.17 12.74
C VAL A 320 22.12 16.94 13.56
N MET A 321 22.74 15.96 12.92
CA MET A 321 23.10 14.76 13.64
C MET A 321 24.13 15.05 14.71
N ASN A 322 24.93 16.11 14.52
CA ASN A 322 25.86 16.52 15.55
C ASN A 322 25.40 17.74 16.27
N ILE A 323 24.10 17.87 16.44
CA ILE A 323 23.58 19.06 17.11
C ILE A 323 23.96 19.08 18.59
N ASP A 324 24.29 17.92 19.14
CA ASP A 324 24.72 17.85 20.54
C ASP A 324 26.02 18.61 20.70
N ASP A 325 26.91 18.42 19.73
CA ASP A 325 28.21 19.06 19.79
C ASP A 325 28.08 20.57 19.76
N MET A 326 27.10 21.07 19.03
CA MET A 326 26.99 22.50 18.91
C MET A 326 26.02 23.10 19.94
N SER A 327 25.41 22.24 20.74
CA SER A 327 24.63 22.72 21.88
C SER A 327 25.60 22.95 23.02
N LYS A 328 26.57 22.03 23.11
CA LYS A 328 27.64 22.09 24.09
C LYS A 328 28.55 23.28 23.81
N ARG A 329 29.11 23.31 22.60
CA ARG A 329 30.00 24.38 22.21
C ARG A 329 29.38 25.73 22.42
N LEU A 330 28.05 25.78 22.44
CA LEU A 330 27.34 27.04 22.67
C LEU A 330 27.39 27.43 24.14
N LYS A 331 26.98 26.50 25.01
CA LYS A 331 26.98 26.74 26.44
C LYS A 331 28.41 26.88 26.93
N SER A 332 29.29 26.00 26.46
CA SER A 332 30.69 26.03 26.87
C SER A 332 31.33 27.40 26.68
N LEU A 333 30.83 28.14 25.71
CA LEU A 333 31.33 29.48 25.40
C LEU A 333 30.43 30.58 25.92
N GLU A 334 29.19 30.23 26.23
CA GLU A 334 28.27 31.20 26.79
C GLU A 334 28.77 31.52 28.18
N ARG A 335 29.23 30.49 28.86
CA ARG A 335 29.78 30.60 30.20
C ARG A 335 31.05 31.46 30.18
N LYS A 336 31.92 31.19 29.21
CA LYS A 336 33.22 31.86 29.13
C LYS A 336 33.12 33.37 29.20
N VAL A 337 32.16 33.92 28.46
CA VAL A 337 31.95 35.36 28.44
C VAL A 337 31.51 35.88 29.80
N ASN A 338 30.46 35.29 30.36
CA ASN A 338 29.94 35.77 31.64
C ASN A 338 30.79 35.30 32.81
N GLN A 339 31.97 34.78 32.51
CA GLN A 339 32.90 34.36 33.55
C GLN A 339 34.17 35.20 33.44
N GLN A 340 34.41 35.73 32.25
CA GLN A 340 35.56 36.60 32.01
C GLN A 340 35.22 38.08 32.26
N ASP A 341 34.07 38.30 32.88
CA ASP A 341 33.64 39.65 33.26
C ASP A 341 33.69 40.62 32.08
N MET B 1 -20.50 -27.51 20.42
CA MET B 1 -19.09 -27.21 20.18
C MET B 1 -18.68 -25.82 20.69
N ALA B 2 -19.58 -24.84 20.57
CA ALA B 2 -19.29 -23.48 21.03
C ALA B 2 -18.78 -23.45 22.48
N SER B 3 -19.42 -24.20 23.38
CA SER B 3 -19.18 -24.03 24.81
C SER B 3 -18.47 -25.20 25.51
N ILE B 4 -17.56 -24.88 26.42
CA ILE B 4 -17.02 -25.89 27.34
C ILE B 4 -17.02 -25.41 28.79
N ARG B 5 -16.65 -26.27 29.73
CA ARG B 5 -16.74 -25.92 31.14
C ARG B 5 -15.45 -25.33 31.66
N LEU B 6 -15.57 -24.57 32.74
CA LEU B 6 -14.45 -23.81 33.27
C LEU B 6 -13.35 -24.74 33.73
N ALA B 7 -13.76 -25.83 34.38
CA ALA B 7 -12.82 -26.83 34.87
C ALA B 7 -12.09 -27.44 33.70
N ASP B 8 -12.84 -27.79 32.66
CA ASP B 8 -12.26 -28.46 31.50
C ASP B 8 -11.25 -27.55 30.81
N LEU B 9 -11.54 -26.26 30.81
CA LEU B 9 -10.68 -25.23 30.25
C LEU B 9 -9.46 -24.92 31.11
N ALA B 10 -9.67 -24.93 32.42
CA ALA B 10 -8.59 -24.75 33.37
C ALA B 10 -7.48 -25.79 33.14
N GLN B 11 -7.91 -27.04 32.98
CA GLN B 11 -7.03 -28.17 32.65
C GLN B 11 -6.18 -27.86 31.43
N GLN B 12 -6.83 -27.39 30.39
CA GLN B 12 -6.17 -27.10 29.13
C GLN B 12 -5.30 -25.85 29.17
N LEU B 13 -5.59 -24.94 30.10
CA LEU B 13 -4.85 -23.69 30.18
C LEU B 13 -3.77 -23.82 31.23
N ASP B 14 -3.89 -24.88 32.00
CA ASP B 14 -2.98 -25.18 33.08
C ASP B 14 -3.11 -24.17 34.20
N ALA B 15 -4.33 -23.85 34.56
CA ALA B 15 -4.58 -22.83 35.57
C ALA B 15 -5.29 -23.41 36.77
N GLU B 16 -5.05 -22.83 37.93
CA GLU B 16 -5.81 -23.21 39.11
C GLU B 16 -7.24 -22.67 39.07
N LEU B 17 -8.21 -23.56 39.00
CA LEU B 17 -9.59 -23.12 39.17
C LEU B 17 -9.79 -22.59 40.59
N HIS B 18 -10.59 -21.53 40.71
CA HIS B 18 -10.96 -21.01 42.03
C HIS B 18 -12.43 -20.77 42.23
N GLY B 19 -13.21 -20.69 41.17
CA GLY B 19 -14.65 -20.63 41.35
C GLY B 19 -15.29 -21.99 41.15
N ASP B 20 -16.52 -21.99 40.66
CA ASP B 20 -17.22 -23.20 40.27
C ASP B 20 -16.79 -23.76 38.90
N GLY B 21 -16.29 -25.00 38.91
CA GLY B 21 -15.80 -25.65 37.70
C GLY B 21 -16.83 -26.00 36.64
N ASP B 22 -18.10 -25.74 36.89
CA ASP B 22 -19.15 -26.11 35.95
C ASP B 22 -19.79 -24.94 35.25
N ILE B 23 -19.27 -23.74 35.48
CA ILE B 23 -19.66 -22.59 34.69
C ILE B 23 -19.55 -22.97 33.21
N VAL B 24 -20.61 -22.71 32.45
CA VAL B 24 -20.55 -22.86 31.00
C VAL B 24 -19.97 -21.60 30.32
N ILE B 25 -18.79 -21.73 29.72
CA ILE B 25 -18.11 -20.62 29.03
C ILE B 25 -18.31 -20.71 27.51
N THR B 26 -18.77 -19.62 26.91
CA THR B 26 -19.05 -19.63 25.47
C THR B 26 -18.00 -18.89 24.66
N GLY B 27 -17.39 -17.86 25.23
CA GLY B 27 -16.38 -17.14 24.48
C GLY B 27 -15.54 -16.25 25.33
N VAL B 28 -14.54 -15.63 24.72
CA VAL B 28 -13.78 -14.59 25.37
C VAL B 28 -14.36 -13.22 25.03
N ALA B 29 -14.15 -12.26 25.93
CA ALA B 29 -14.48 -10.86 25.71
C ALA B 29 -13.53 -9.99 26.53
N SER B 30 -13.63 -8.68 26.36
CA SER B 30 -12.91 -7.73 27.18
C SER B 30 -13.66 -7.49 28.47
N MET B 31 -12.95 -7.10 29.53
CA MET B 31 -13.63 -6.86 30.81
C MET B 31 -14.87 -6.01 30.63
N GLN B 32 -14.73 -4.91 29.89
CA GLN B 32 -15.81 -3.93 29.70
C GLN B 32 -17.06 -4.52 29.06
N SER B 33 -16.91 -5.32 28.01
CA SER B 33 -18.09 -5.78 27.28
C SER B 33 -18.57 -7.19 27.64
N ALA B 34 -17.83 -7.86 28.50
CA ALA B 34 -18.14 -9.24 28.90
C ALA B 34 -19.52 -9.43 29.50
N GLN B 35 -20.16 -10.53 29.11
CA GLN B 35 -21.49 -10.87 29.58
C GLN B 35 -21.41 -12.26 30.17
N THR B 36 -22.54 -12.78 30.63
CA THR B 36 -22.55 -14.07 31.29
C THR B 36 -22.16 -15.13 30.28
N GLY B 37 -21.24 -16.01 30.67
CA GLY B 37 -20.77 -17.05 29.78
C GLY B 37 -19.41 -16.73 29.17
N HIS B 38 -18.98 -15.48 29.29
CA HIS B 38 -17.73 -15.05 28.71
C HIS B 38 -16.64 -15.19 29.74
N ILE B 39 -15.44 -15.47 29.26
CA ILE B 39 -14.30 -15.45 30.16
C ILE B 39 -13.47 -14.25 29.80
N THR B 40 -12.78 -13.64 30.76
CA THR B 40 -11.99 -12.48 30.44
C THR B 40 -10.63 -12.54 31.12
N PHE B 41 -9.84 -11.48 31.01
CA PHE B 41 -8.59 -11.45 31.72
C PHE B 41 -8.28 -10.03 32.14
N MET B 42 -7.44 -9.87 33.15
CA MET B 42 -6.76 -8.59 33.34
C MET B 42 -5.26 -8.80 33.48
N VAL B 43 -4.55 -8.43 32.43
CA VAL B 43 -3.12 -8.30 32.55
C VAL B 43 -3.03 -7.03 33.38
N ASN B 44 -4.16 -6.36 33.42
CA ASN B 44 -4.33 -4.98 33.86
C ASN B 44 -3.73 -4.73 35.24
N PRO B 45 -3.10 -3.62 35.37
CA PRO B 45 -2.52 -3.24 36.66
C PRO B 45 -3.57 -3.36 37.80
N LYS B 46 -4.55 -2.51 37.60
CA LYS B 46 -5.20 -1.82 38.71
C LYS B 46 -6.69 -1.94 38.54
N TYR B 47 -7.08 -2.61 37.46
CA TYR B 47 -8.47 -2.70 37.10
C TYR B 47 -9.23 -3.71 37.96
N ARG B 48 -8.51 -4.28 38.92
CA ARG B 48 -9.16 -5.13 39.91
C ARG B 48 -10.02 -4.36 40.92
N GLU B 49 -9.96 -3.04 40.88
CA GLU B 49 -10.95 -2.20 41.54
C GLU B 49 -12.36 -2.53 41.05
N HIS B 50 -12.46 -2.83 39.76
CA HIS B 50 -13.73 -2.87 39.04
C HIS B 50 -14.20 -4.25 38.67
N LEU B 51 -13.70 -5.27 39.36
CA LEU B 51 -14.12 -6.63 39.10
C LEU B 51 -15.57 -6.86 39.52
N GLY B 52 -16.00 -6.20 40.60
CA GLY B 52 -17.38 -6.27 41.03
C GLY B 52 -18.47 -5.94 40.00
N LEU B 53 -18.22 -4.97 39.13
CA LEU B 53 -19.17 -4.67 38.09
C LEU B 53 -18.93 -5.34 36.73
N CYS B 54 -17.81 -6.04 36.58
CA CYS B 54 -17.54 -6.83 35.39
C CYS B 54 -18.50 -8.01 35.35
N GLN B 55 -19.10 -8.27 34.19
CA GLN B 55 -20.16 -9.28 34.07
C GLN B 55 -19.68 -10.60 33.52
N ALA B 56 -18.39 -10.70 33.24
CA ALA B 56 -17.81 -11.94 32.74
C ALA B 56 -18.05 -13.06 33.72
N SER B 57 -18.15 -14.29 33.21
CA SER B 57 -18.36 -15.47 34.07
C SER B 57 -17.14 -15.99 34.84
N ALA B 58 -15.94 -15.57 34.45
CA ALA B 58 -14.69 -16.01 35.07
C ALA B 58 -13.59 -15.07 34.58
N VAL B 59 -12.56 -14.87 35.39
CA VAL B 59 -11.48 -13.97 35.01
C VAL B 59 -10.15 -14.62 35.26
N VAL B 60 -9.37 -14.78 34.19
CA VAL B 60 -7.99 -15.26 34.26
C VAL B 60 -7.17 -14.21 34.93
N MET B 61 -6.54 -14.55 36.04
CA MET B 61 -5.76 -13.61 36.79
C MET B 61 -4.54 -14.22 37.40
N THR B 62 -3.74 -13.38 38.00
CA THR B 62 -2.53 -13.78 38.67
C THR B 62 -2.84 -14.13 40.12
N GLN B 63 -1.96 -14.88 40.76
CA GLN B 63 -2.20 -15.29 42.14
C GLN B 63 -2.30 -14.06 43.07
N ASP B 64 -1.48 -13.06 42.76
CA ASP B 64 -1.46 -11.81 43.47
C ASP B 64 -2.82 -11.06 43.39
N ASP B 65 -3.58 -11.32 42.33
CA ASP B 65 -4.84 -10.63 42.10
C ASP B 65 -6.00 -11.28 42.81
N LEU B 66 -5.78 -12.49 43.29
CA LEU B 66 -6.87 -13.34 43.76
C LEU B 66 -7.66 -12.74 44.93
N PRO B 67 -6.98 -12.06 45.87
CA PRO B 67 -7.69 -11.45 46.99
C PRO B 67 -8.83 -10.55 46.53
N PHE B 68 -8.67 -9.97 45.34
CA PHE B 68 -9.60 -8.98 44.80
C PHE B 68 -10.71 -9.58 43.96
N ALA B 69 -10.63 -10.88 43.69
CA ALA B 69 -11.59 -11.53 42.82
C ALA B 69 -13.02 -11.46 43.37
N LYS B 70 -13.97 -11.36 42.45
CA LYS B 70 -15.40 -11.32 42.75
C LYS B 70 -16.19 -12.19 41.79
N SER B 71 -15.55 -13.27 41.36
CA SER B 71 -16.17 -14.25 40.45
C SER B 71 -15.21 -15.41 40.34
N ALA B 72 -15.62 -16.43 39.61
CA ALA B 72 -14.73 -17.53 39.28
C ALA B 72 -13.40 -16.97 38.72
N ALA B 73 -12.31 -17.65 38.99
CA ALA B 73 -11.02 -17.11 38.65
C ALA B 73 -10.03 -18.22 38.25
N LEU B 74 -9.26 -17.98 37.19
CA LEU B 74 -8.22 -18.90 36.82
C LEU B 74 -6.92 -18.23 37.16
N VAL B 75 -6.11 -18.86 38.01
CA VAL B 75 -4.84 -18.28 38.42
C VAL B 75 -3.70 -18.88 37.59
N VAL B 76 -2.87 -18.00 37.05
CA VAL B 76 -1.76 -18.41 36.19
C VAL B 76 -0.52 -17.58 36.50
N LYS B 77 0.59 -17.87 35.80
CA LYS B 77 1.76 -16.99 35.88
C LYS B 77 1.69 -15.85 34.86
N ASN B 78 1.03 -16.09 33.75
CA ASN B 78 0.98 -15.14 32.63
C ASN B 78 -0.39 -15.04 32.04
N PRO B 79 -1.11 -14.02 32.40
CA PRO B 79 -2.49 -13.90 32.03
C PRO B 79 -2.61 -13.57 30.55
N TYR B 80 -1.63 -12.88 30.00
CA TYR B 80 -1.71 -12.46 28.61
C TYR B 80 -1.49 -13.62 27.64
N LEU B 81 -0.58 -14.50 28.03
CA LEU B 81 -0.26 -15.66 27.24
C LEU B 81 -1.37 -16.68 27.42
N THR B 82 -2.01 -16.67 28.59
CA THR B 82 -3.20 -17.51 28.82
C THR B 82 -4.36 -17.05 27.93
N TYR B 83 -4.47 -15.73 27.76
CA TYR B 83 -5.48 -15.14 26.89
C TYR B 83 -5.32 -15.61 25.46
N ALA B 84 -4.10 -15.53 24.98
CA ALA B 84 -3.78 -16.04 23.69
C ALA B 84 -4.26 -17.48 23.56
N ARG B 85 -3.94 -18.33 24.51
CA ARG B 85 -4.31 -19.75 24.39
C ARG B 85 -5.82 -20.01 24.45
N MET B 86 -6.52 -19.33 25.31
CA MET B 86 -7.90 -19.58 25.46
C MET B 86 -8.73 -18.98 24.38
N ALA B 87 -8.23 -17.97 23.71
CA ALA B 87 -8.93 -17.42 22.57
C ALA B 87 -8.79 -18.38 21.39
N GLN B 88 -7.69 -19.11 21.34
CA GLN B 88 -7.55 -20.13 20.33
C GLN B 88 -8.52 -21.26 20.58
N ILE B 89 -8.58 -21.72 21.81
CA ILE B 89 -9.53 -22.75 22.16
C ILE B 89 -10.94 -22.33 21.83
N LEU B 90 -11.24 -21.06 22.07
CA LEU B 90 -12.60 -20.59 21.88
C LEU B 90 -12.80 -19.76 20.62
N ASP B 91 -11.86 -19.88 19.67
CA ASP B 91 -11.87 -19.16 18.39
C ASP B 91 -13.19 -19.27 17.60
N THR B 92 -13.71 -18.12 17.18
CA THR B 92 -14.97 -18.10 16.42
C THR B 92 -14.70 -17.94 14.95
N THR B 93 -13.45 -17.66 14.59
CA THR B 93 -13.08 -17.42 13.19
C THR B 93 -13.45 -18.60 12.29
N PRO B 94 -14.07 -18.31 11.15
CA PRO B 94 -14.38 -19.38 10.19
C PRO B 94 -13.16 -19.76 9.38
N GLN B 95 -13.30 -20.75 8.54
CA GLN B 95 -12.23 -21.08 7.68
C GLN B 95 -12.61 -20.49 6.35
N PRO B 96 -11.62 -20.20 5.56
CA PRO B 96 -11.73 -19.51 4.30
C PRO B 96 -12.45 -20.32 3.32
N ALA B 97 -12.37 -21.61 3.54
CA ALA B 97 -13.12 -22.52 2.69
C ALA B 97 -13.45 -23.80 3.44
N GLN B 98 -14.44 -24.53 2.93
CA GLN B 98 -14.75 -25.86 3.37
C GLN B 98 -14.98 -26.72 2.12
N ASN B 99 -14.23 -27.83 2.00
CA ASN B 99 -14.35 -28.70 0.83
C ASN B 99 -13.99 -28.01 -0.48
N ILE B 100 -14.44 -28.56 -1.60
CA ILE B 100 -14.07 -27.99 -2.89
C ILE B 100 -15.25 -27.40 -3.67
N ALA B 101 -15.15 -26.10 -3.92
CA ALA B 101 -16.21 -25.38 -4.59
C ALA B 101 -16.36 -25.85 -6.01
N PRO B 102 -17.59 -26.15 -6.41
CA PRO B 102 -17.79 -26.69 -7.76
C PRO B 102 -17.29 -25.68 -8.78
N SER B 103 -17.09 -24.43 -8.33
CA SER B 103 -16.81 -23.33 -9.25
C SER B 103 -15.34 -23.00 -9.30
N ALA B 104 -14.56 -23.64 -8.45
CA ALA B 104 -13.10 -23.56 -8.52
C ALA B 104 -12.58 -24.07 -9.88
N VAL B 105 -11.45 -23.54 -10.33
CA VAL B 105 -10.83 -24.04 -11.57
C VAL B 105 -9.47 -24.65 -11.26
N ILE B 106 -9.41 -25.98 -11.29
CA ILE B 106 -8.26 -26.74 -10.79
C ILE B 106 -7.59 -27.52 -11.91
N ASP B 107 -6.36 -27.15 -12.24
CA ASP B 107 -5.65 -27.84 -13.31
C ASP B 107 -5.56 -29.33 -12.98
N ALA B 108 -5.77 -30.16 -14.00
CA ALA B 108 -5.78 -31.62 -13.80
C ALA B 108 -4.45 -32.16 -13.30
N THR B 109 -3.39 -31.36 -13.43
CA THR B 109 -2.05 -31.77 -13.02
C THR B 109 -1.70 -31.37 -11.58
N ALA B 110 -2.60 -30.64 -10.92
CA ALA B 110 -2.36 -30.19 -9.56
C ALA B 110 -2.57 -31.34 -8.57
N LYS B 111 -1.74 -31.38 -7.53
CA LYS B 111 -1.75 -32.48 -6.57
C LYS B 111 -2.25 -32.02 -5.21
N LEU B 112 -3.26 -32.69 -4.69
CA LEU B 112 -3.94 -32.26 -3.47
C LEU B 112 -3.85 -33.26 -2.31
N GLY B 113 -3.44 -32.78 -1.13
CA GLY B 113 -3.37 -33.61 0.05
C GLY B 113 -4.73 -34.03 0.55
N ASN B 114 -4.78 -34.66 1.72
CA ASN B 114 -6.06 -34.98 2.31
C ASN B 114 -6.60 -33.77 3.01
N ASN B 115 -7.93 -33.68 3.06
CA ASN B 115 -8.62 -32.64 3.82
C ASN B 115 -8.28 -31.19 3.38
N VAL B 116 -8.25 -30.98 2.07
CA VAL B 116 -7.88 -29.71 1.48
C VAL B 116 -9.16 -29.00 1.15
N SER B 117 -9.22 -27.71 1.44
CA SER B 117 -10.40 -26.95 1.07
C SER B 117 -10.04 -25.88 0.07
N ILE B 118 -10.88 -25.71 -0.95
CA ILE B 118 -10.65 -24.71 -1.99
C ILE B 118 -11.94 -23.95 -2.26
N GLY B 119 -11.91 -22.65 -2.06
CA GLY B 119 -13.13 -21.86 -2.11
C GLY B 119 -13.57 -21.49 -3.50
N ALA B 120 -14.77 -20.91 -3.60
CA ALA B 120 -15.38 -20.52 -4.87
C ALA B 120 -14.44 -19.68 -5.68
N ASN B 121 -14.42 -19.97 -6.98
CA ASN B 121 -13.76 -19.17 -8.00
C ASN B 121 -12.28 -19.02 -7.83
N ALA B 122 -11.71 -19.87 -6.99
CA ALA B 122 -10.28 -19.93 -6.80
C ALA B 122 -9.68 -20.60 -8.01
N VAL B 123 -8.49 -20.15 -8.40
CA VAL B 123 -7.78 -20.69 -9.53
C VAL B 123 -6.47 -21.34 -9.10
N ILE B 124 -6.33 -22.62 -9.45
CA ILE B 124 -5.15 -23.42 -9.16
C ILE B 124 -4.53 -23.82 -10.47
N GLU B 125 -3.35 -23.29 -10.73
CA GLU B 125 -2.68 -23.57 -11.99
C GLU B 125 -1.96 -24.92 -11.97
N SER B 126 -1.39 -25.29 -13.11
CA SER B 126 -0.71 -26.56 -13.31
C SER B 126 0.49 -26.81 -12.40
N GLY B 127 0.65 -28.07 -12.02
CA GLY B 127 1.82 -28.51 -11.28
C GLY B 127 1.85 -28.06 -9.83
N VAL B 128 0.78 -27.44 -9.38
CA VAL B 128 0.70 -26.98 -8.01
C VAL B 128 0.56 -28.14 -7.02
N GLU B 129 1.27 -28.07 -5.91
CA GLU B 129 1.05 -29.03 -4.85
C GLU B 129 0.53 -28.35 -3.58
N LEU B 130 -0.56 -28.89 -3.04
CA LEU B 130 -1.10 -28.43 -1.78
C LEU B 130 -1.12 -29.55 -0.78
N GLY B 131 -0.39 -29.38 0.32
CA GLY B 131 -0.32 -30.39 1.35
C GLY B 131 -1.61 -30.69 2.08
N ASP B 132 -1.52 -31.56 3.07
CA ASP B 132 -2.68 -31.94 3.84
C ASP B 132 -3.22 -30.76 4.64
N ASN B 133 -4.53 -30.71 4.75
CA ASN B 133 -5.22 -29.66 5.50
C ASN B 133 -5.08 -28.22 4.98
N VAL B 134 -4.48 -28.05 3.80
CA VAL B 134 -4.41 -26.70 3.25
C VAL B 134 -5.82 -26.14 2.92
N ILE B 135 -5.98 -24.83 3.19
CA ILE B 135 -7.20 -24.15 2.80
C ILE B 135 -6.93 -22.95 1.91
N ILE B 136 -7.51 -22.97 0.72
CA ILE B 136 -7.40 -21.86 -0.21
C ILE B 136 -8.69 -21.04 -0.27
N GLY B 137 -8.61 -19.79 0.15
CA GLY B 137 -9.75 -18.90 0.13
C GLY B 137 -10.36 -18.66 -1.23
N ALA B 138 -11.59 -18.15 -1.24
CA ALA B 138 -12.27 -17.78 -2.48
C ALA B 138 -11.55 -16.68 -3.26
N GLY B 139 -11.61 -16.80 -4.58
CA GLY B 139 -10.95 -15.88 -5.50
C GLY B 139 -9.43 -15.97 -5.54
N CYS B 140 -8.82 -16.92 -4.84
CA CYS B 140 -7.36 -16.99 -4.88
C CYS B 140 -6.78 -17.42 -6.21
N PHE B 141 -5.53 -17.07 -6.42
CA PHE B 141 -4.80 -17.57 -7.58
C PHE B 141 -3.52 -18.20 -7.09
N VAL B 142 -3.25 -19.41 -7.57
CA VAL B 142 -2.01 -20.11 -7.23
C VAL B 142 -1.33 -20.52 -8.52
N GLY B 143 -0.25 -19.82 -8.85
CA GLY B 143 0.48 -19.95 -10.10
C GLY B 143 1.21 -21.27 -10.27
N LYS B 144 1.70 -21.48 -11.49
CA LYS B 144 2.23 -22.77 -11.92
C LYS B 144 3.34 -23.28 -11.00
N ASN B 145 3.31 -24.57 -10.71
CA ASN B 145 4.36 -25.23 -9.93
C ASN B 145 4.58 -24.67 -8.52
N SER B 146 3.62 -23.93 -8.00
CA SER B 146 3.79 -23.46 -6.63
C SER B 146 3.50 -24.60 -5.67
N LYS B 147 4.07 -24.47 -4.47
CA LYS B 147 3.89 -25.47 -3.40
C LYS B 147 3.43 -24.78 -2.14
N ILE B 148 2.41 -25.34 -1.52
CA ILE B 148 1.90 -24.83 -0.28
C ILE B 148 1.90 -25.90 0.78
N GLY B 149 2.67 -25.68 1.84
CA GLY B 149 2.81 -26.66 2.90
C GLY B 149 1.55 -26.97 3.70
N ALA B 150 1.52 -28.17 4.27
CA ALA B 150 0.39 -28.63 5.06
C ALA B 150 -0.01 -27.63 6.14
N GLY B 151 -1.29 -27.53 6.40
CA GLY B 151 -1.76 -26.61 7.41
C GLY B 151 -1.89 -25.15 6.98
N SER B 152 -1.35 -24.78 5.83
CA SER B 152 -1.35 -23.38 5.43
C SER B 152 -2.67 -22.92 4.83
N ARG B 153 -3.02 -21.67 5.13
CA ARG B 153 -4.31 -21.11 4.73
C ARG B 153 -4.14 -19.79 4.03
N LEU B 154 -4.90 -19.62 2.95
CA LEU B 154 -5.02 -18.35 2.25
C LEU B 154 -6.46 -17.89 2.37
N TRP B 155 -6.63 -16.62 2.70
CA TRP B 155 -7.95 -16.00 2.72
C TRP B 155 -8.34 -15.58 1.33
N ALA B 156 -9.46 -14.88 1.22
CA ALA B 156 -10.01 -14.61 -0.08
C ALA B 156 -9.07 -13.72 -0.87
N ASN B 157 -9.04 -13.95 -2.17
CA ASN B 157 -8.33 -13.07 -3.10
C ASN B 157 -6.85 -12.83 -2.82
N VAL B 158 -6.11 -13.90 -2.58
CA VAL B 158 -4.65 -13.83 -2.47
C VAL B 158 -4.01 -14.24 -3.81
N THR B 159 -2.93 -13.58 -4.17
CA THR B 159 -2.27 -13.93 -5.41
C THR B 159 -0.92 -14.50 -5.10
N ILE B 160 -0.73 -15.76 -5.45
CA ILE B 160 0.56 -16.40 -5.36
C ILE B 160 1.02 -16.61 -6.78
N TYR B 161 2.18 -16.10 -7.18
CA TYR B 161 2.66 -16.38 -8.53
C TYR B 161 3.30 -17.77 -8.63
N HIS B 162 3.97 -18.04 -9.77
CA HIS B 162 4.51 -19.36 -10.07
C HIS B 162 5.81 -19.64 -9.35
N GLU B 163 6.10 -20.91 -9.12
CA GLU B 163 7.37 -21.30 -8.51
C GLU B 163 7.56 -20.68 -7.15
N ILE B 164 6.49 -20.56 -6.37
CA ILE B 164 6.62 -20.07 -5.01
C ILE B 164 6.55 -21.27 -4.09
N GLN B 165 7.32 -21.22 -3.01
CA GLN B 165 7.23 -22.25 -1.99
C GLN B 165 6.74 -21.69 -0.65
N ILE B 166 5.72 -22.32 -0.08
CA ILE B 166 5.22 -21.86 1.19
C ILE B 166 5.25 -22.97 2.22
N GLY B 167 5.71 -22.62 3.41
CA GLY B 167 5.93 -23.62 4.43
C GLY B 167 4.67 -24.21 5.05
N GLN B 168 4.82 -24.67 6.29
CA GLN B 168 3.72 -25.28 7.03
C GLN B 168 3.09 -24.28 8.00
N ASN B 169 1.78 -24.41 8.20
CA ASN B 169 1.06 -23.61 9.17
C ASN B 169 1.17 -22.11 8.98
N CYS B 170 1.31 -21.70 7.72
CA CYS B 170 1.32 -20.30 7.40
C CYS B 170 -0.08 -19.76 7.29
N LEU B 171 -0.20 -18.46 7.48
CA LEU B 171 -1.46 -17.78 7.28
C LEU B 171 -1.24 -16.51 6.44
N ILE B 172 -1.99 -16.38 5.36
CA ILE B 172 -1.92 -15.20 4.49
C ILE B 172 -3.28 -14.49 4.31
N GLN B 173 -3.38 -13.25 4.79
CA GLN B 173 -4.59 -12.45 4.64
C GLN B 173 -4.86 -12.00 3.20
N SER B 174 -6.08 -11.52 2.96
CA SER B 174 -6.54 -11.13 1.64
C SER B 174 -5.76 -10.02 0.98
N GLY B 175 -5.81 -10.00 -0.35
CA GLY B 175 -5.27 -8.92 -1.16
C GLY B 175 -3.76 -8.96 -1.36
N THR B 176 -3.11 -9.91 -0.69
CA THR B 176 -1.67 -9.97 -0.68
C THR B 176 -1.14 -10.62 -1.95
N VAL B 177 0.07 -10.24 -2.35
CA VAL B 177 0.64 -10.69 -3.63
C VAL B 177 2.05 -11.23 -3.45
N VAL B 178 2.27 -12.47 -3.86
CA VAL B 178 3.55 -13.10 -3.58
C VAL B 178 4.24 -13.57 -4.85
N GLY B 179 5.42 -13.03 -5.11
CA GLY B 179 6.23 -13.41 -6.25
C GLY B 179 6.05 -12.60 -7.52
N ALA B 180 5.71 -11.32 -7.39
CA ALA B 180 5.59 -10.46 -8.55
C ALA B 180 7.00 -10.13 -9.04
N ASP B 181 7.17 -9.97 -10.36
CA ASP B 181 8.46 -9.62 -10.93
C ASP B 181 9.10 -8.41 -10.27
N GLY B 182 10.37 -8.58 -9.88
CA GLY B 182 11.07 -7.56 -9.15
C GLY B 182 11.31 -6.31 -9.96
N PHE B 183 11.56 -5.22 -9.25
CA PHE B 183 11.85 -3.91 -9.83
C PHE B 183 13.32 -3.89 -10.26
N GLY B 184 13.58 -4.44 -11.44
CA GLY B 184 14.92 -4.53 -12.00
C GLY B 184 14.92 -4.36 -13.51
N TYR B 185 15.72 -3.42 -13.98
CA TYR B 185 15.72 -3.02 -15.38
C TYR B 185 17.12 -2.70 -15.86
N ALA B 186 17.41 -3.12 -17.08
CA ALA B 186 18.66 -2.78 -17.73
C ALA B 186 18.55 -1.37 -18.32
N ASN B 187 19.52 -1.00 -19.16
CA ASN B 187 19.55 0.34 -19.75
C ASN B 187 20.55 0.45 -20.91
N ASP B 188 20.27 1.39 -21.84
CA ASP B 188 21.27 1.87 -22.78
C ASP B 188 21.59 3.31 -22.41
N ARG B 189 20.83 4.20 -23.01
CA ARG B 189 20.73 5.57 -22.54
C ARG B 189 19.24 5.94 -22.58
N GLY B 190 18.72 6.39 -21.44
CA GLY B 190 17.34 6.83 -21.34
C GLY B 190 16.32 5.76 -20.97
N ASN B 191 16.03 4.87 -21.91
CA ASN B 191 14.94 3.90 -21.76
C ASN B 191 15.38 2.50 -21.33
N TRP B 192 14.45 1.77 -20.70
CA TRP B 192 14.81 0.59 -19.93
C TRP B 192 14.66 -0.74 -20.68
N VAL B 193 15.36 -1.74 -20.19
CA VAL B 193 15.30 -3.09 -20.74
C VAL B 193 14.92 -4.02 -19.61
N LYS B 194 13.83 -4.77 -19.77
CA LYS B 194 13.35 -5.57 -18.67
C LYS B 194 14.19 -6.82 -18.51
N ILE B 195 14.77 -7.01 -17.34
CA ILE B 195 15.42 -8.29 -17.07
C ILE B 195 14.43 -9.25 -16.44
N PRO B 196 14.04 -10.32 -17.16
CA PRO B 196 13.23 -11.38 -16.58
C PRO B 196 13.73 -11.74 -15.17
N GLN B 197 12.78 -11.98 -14.28
CA GLN B 197 13.10 -12.26 -12.89
C GLN B 197 12.81 -13.73 -12.58
N ILE B 198 13.84 -14.56 -12.68
CA ILE B 198 13.64 -15.99 -12.60
C ILE B 198 13.97 -16.63 -11.23
N GLY B 199 14.17 -15.80 -10.22
CA GLY B 199 14.22 -16.28 -8.85
C GLY B 199 12.85 -16.67 -8.33
N ARG B 200 12.80 -17.03 -7.05
CA ARG B 200 11.52 -17.40 -6.41
C ARG B 200 11.33 -16.70 -5.06
N VAL B 201 10.26 -17.04 -4.35
CA VAL B 201 10.10 -16.66 -2.94
C VAL B 201 10.05 -17.95 -2.16
N ILE B 202 10.80 -18.02 -1.07
CA ILE B 202 10.70 -19.19 -0.21
C ILE B 202 10.19 -18.71 1.15
N ILE B 203 9.04 -19.20 1.55
CA ILE B 203 8.45 -18.77 2.79
C ILE B 203 8.47 -19.90 3.79
N GLY B 204 9.02 -19.59 4.96
CA GLY B 204 9.30 -20.58 5.98
C GLY B 204 8.04 -21.20 6.55
N ASP B 205 8.19 -21.84 7.70
CA ASP B 205 7.04 -22.30 8.47
C ASP B 205 6.48 -21.29 9.46
N ARG B 206 5.20 -21.42 9.76
CA ARG B 206 4.55 -20.59 10.76
C ARG B 206 4.69 -19.12 10.42
N VAL B 207 4.57 -18.79 9.14
CA VAL B 207 4.67 -17.41 8.73
C VAL B 207 3.29 -16.76 8.64
N GLU B 208 3.18 -15.54 9.14
CA GLU B 208 1.92 -14.79 9.06
C GLU B 208 2.13 -13.54 8.25
N ILE B 209 1.38 -13.43 7.17
CA ILE B 209 1.43 -12.23 6.37
C ILE B 209 0.08 -11.55 6.27
N GLY B 210 0.06 -10.25 6.53
CA GLY B 210 -1.14 -9.44 6.49
C GLY B 210 -1.66 -9.12 5.11
N ALA B 211 -2.63 -8.20 5.04
CA ALA B 211 -3.36 -7.92 3.83
C ALA B 211 -2.73 -6.85 2.96
N CYS B 212 -2.94 -6.97 1.66
CA CYS B 212 -2.37 -6.03 0.69
C CYS B 212 -0.88 -5.87 0.83
N THR B 213 -0.19 -6.94 1.15
CA THR B 213 1.25 -6.88 1.23
C THR B 213 1.83 -7.47 -0.07
N THR B 214 2.98 -6.94 -0.49
CA THR B 214 3.64 -7.45 -1.72
C THR B 214 5.07 -7.97 -1.50
N ILE B 215 5.29 -9.19 -1.96
CA ILE B 215 6.58 -9.81 -1.75
C ILE B 215 7.14 -10.22 -3.08
N ASP B 216 8.06 -9.42 -3.59
CA ASP B 216 8.66 -9.67 -4.90
C ASP B 216 9.58 -10.92 -4.91
N ARG B 217 9.62 -11.60 -6.04
CA ARG B 217 10.49 -12.73 -6.22
C ARG B 217 11.87 -12.19 -6.58
N GLY B 218 12.90 -13.01 -6.34
CA GLY B 218 14.27 -12.63 -6.60
C GLY B 218 14.65 -12.64 -8.06
N ALA B 219 15.71 -11.89 -8.40
CA ALA B 219 16.29 -11.91 -9.74
C ALA B 219 16.76 -13.26 -10.29
N LEU B 220 17.74 -13.89 -9.63
CA LEU B 220 18.22 -15.23 -10.03
C LEU B 220 18.02 -16.16 -8.83
N ASP B 221 18.47 -15.64 -7.69
CA ASP B 221 18.33 -16.36 -6.46
C ASP B 221 16.99 -16.06 -5.77
N ASP B 222 16.87 -16.50 -4.54
CA ASP B 222 15.60 -16.39 -3.89
C ASP B 222 15.51 -15.28 -2.88
N THR B 223 14.35 -14.67 -2.86
CA THR B 223 13.82 -13.92 -1.76
C THR B 223 13.30 -14.86 -0.68
N ILE B 224 13.72 -14.64 0.53
CA ILE B 224 13.46 -15.65 1.55
C ILE B 224 12.86 -15.12 2.84
N ILE B 225 11.75 -15.73 3.24
CA ILE B 225 11.12 -15.41 4.51
C ILE B 225 11.35 -16.58 5.46
N GLY B 226 12.06 -16.33 6.57
CA GLY B 226 12.34 -17.35 7.55
C GLY B 226 11.12 -17.75 8.36
N ASN B 227 11.30 -18.81 9.15
CA ASN B 227 10.25 -19.37 10.01
C ASN B 227 9.72 -18.39 11.04
N GLY B 228 8.44 -18.48 11.35
CA GLY B 228 7.85 -17.67 12.41
C GLY B 228 7.98 -16.16 12.26
N VAL B 229 8.17 -15.70 11.02
CA VAL B 229 8.23 -14.28 10.76
C VAL B 229 6.80 -13.77 10.69
N ILE B 230 6.58 -12.60 11.28
CA ILE B 230 5.28 -11.96 11.21
C ILE B 230 5.40 -10.61 10.52
N ILE B 231 4.54 -10.42 9.52
CA ILE B 231 4.53 -9.25 8.66
C ILE B 231 3.13 -8.66 8.56
N ASP B 232 3.00 -7.38 8.84
CA ASP B 232 1.70 -6.72 8.87
C ASP B 232 1.27 -6.24 7.50
N ASN B 233 0.21 -5.45 7.47
CA ASN B 233 -0.41 -5.01 6.25
C ASN B 233 0.46 -4.10 5.44
N GLN B 234 0.29 -4.19 4.15
CA GLN B 234 0.88 -3.26 3.19
C GLN B 234 2.37 -3.04 3.30
N CYS B 235 3.11 -4.12 3.53
CA CYS B 235 4.55 -4.04 3.38
C CYS B 235 4.98 -4.28 1.94
N GLN B 236 6.08 -3.63 1.58
CA GLN B 236 6.77 -3.90 0.35
C GLN B 236 8.12 -4.61 0.63
N ILE B 237 8.19 -5.89 0.28
CA ILE B 237 9.42 -6.66 0.36
C ILE B 237 10.00 -6.90 -1.05
N ALA B 238 11.10 -6.22 -1.34
CA ALA B 238 11.74 -6.27 -2.66
C ALA B 238 12.37 -7.63 -3.04
N HIS B 239 12.77 -7.77 -4.31
CA HIS B 239 13.46 -8.97 -4.76
C HIS B 239 14.70 -9.25 -3.91
N ASN B 240 14.94 -10.52 -3.59
CA ASN B 240 16.17 -10.96 -2.91
C ASN B 240 16.40 -10.46 -1.49
N VAL B 241 15.35 -9.95 -0.85
CA VAL B 241 15.42 -9.61 0.56
C VAL B 241 15.49 -10.91 1.30
N VAL B 242 16.21 -10.90 2.42
CA VAL B 242 16.21 -12.06 3.27
C VAL B 242 15.86 -11.62 4.67
N ILE B 243 14.81 -12.23 5.22
CA ILE B 243 14.32 -11.88 6.55
C ILE B 243 14.45 -13.06 7.48
N GLY B 244 15.25 -12.89 8.54
CA GLY B 244 15.50 -13.97 9.49
C GLY B 244 14.37 -14.36 10.43
N ASP B 245 14.46 -15.57 10.97
CA ASP B 245 13.52 -16.12 11.96
C ASP B 245 12.95 -15.24 13.08
N ASN B 246 11.64 -15.25 13.19
CA ASN B 246 10.91 -14.57 14.25
C ASN B 246 11.08 -13.05 14.24
N THR B 247 11.47 -12.50 13.09
CA THR B 247 11.45 -11.07 12.88
C THR B 247 9.99 -10.60 12.73
N ALA B 248 9.70 -9.49 13.35
CA ALA B 248 8.41 -8.83 13.22
C ALA B 248 8.58 -7.57 12.39
N VAL B 249 7.78 -7.48 11.33
CA VAL B 249 7.82 -6.34 10.43
C VAL B 249 6.45 -5.69 10.52
N ALA B 250 6.38 -4.51 11.10
CA ALA B 250 5.10 -3.85 11.24
C ALA B 250 4.54 -3.35 9.90
N GLY B 251 3.37 -2.72 9.96
CA GLY B 251 2.64 -2.28 8.78
C GLY B 251 3.30 -1.16 8.01
N GLY B 252 3.24 -1.24 6.69
CA GLY B 252 3.73 -0.18 5.83
C GLY B 252 5.24 -0.06 5.67
N VAL B 253 5.99 -1.07 6.02
CA VAL B 253 7.39 -1.01 5.88
C VAL B 253 7.82 -1.10 4.45
N ILE B 254 8.76 -0.28 4.04
CA ILE B 254 9.28 -0.37 2.68
C ILE B 254 10.71 -0.89 2.67
N MET B 255 10.92 -2.10 2.14
CA MET B 255 12.23 -2.76 2.19
C MET B 255 12.85 -2.98 0.83
N ALA B 256 13.97 -2.34 0.57
CA ALA B 256 14.60 -2.41 -0.75
C ALA B 256 15.34 -3.72 -1.05
N GLY B 257 15.73 -3.87 -2.33
CA GLY B 257 16.34 -5.10 -2.83
C GLY B 257 17.60 -5.56 -2.12
N SER B 258 17.69 -6.85 -1.88
CA SER B 258 18.92 -7.46 -1.36
C SER B 258 19.29 -6.96 0.04
N LEU B 259 18.26 -6.66 0.82
CA LEU B 259 18.43 -6.34 2.21
C LEU B 259 18.42 -7.66 2.99
N LYS B 260 19.41 -7.86 3.86
CA LYS B 260 19.35 -9.03 4.74
C LYS B 260 19.06 -8.56 6.14
N ILE B 261 18.04 -9.14 6.75
CA ILE B 261 17.63 -8.78 8.10
C ILE B 261 17.77 -10.00 9.01
N GLY B 262 18.45 -9.84 10.13
CA GLY B 262 18.69 -10.95 11.05
C GLY B 262 17.47 -11.60 11.72
N ARG B 263 17.72 -12.31 12.81
CA ARG B 263 16.68 -12.95 13.60
C ARG B 263 16.22 -12.03 14.68
N TYR B 264 15.06 -12.31 15.23
CA TYR B 264 14.52 -11.50 16.34
C TYR B 264 14.59 -9.99 16.14
N CYS B 265 14.32 -9.52 14.95
CA CYS B 265 14.23 -8.08 14.76
C CYS B 265 12.79 -7.56 14.88
N MET B 266 12.66 -6.27 15.17
CA MET B 266 11.40 -5.59 15.23
C MET B 266 11.54 -4.37 14.35
N ILE B 267 10.94 -4.40 13.17
CA ILE B 267 10.98 -3.22 12.32
C ILE B 267 9.68 -2.46 12.36
N GLY B 268 9.78 -1.21 12.81
CA GLY B 268 8.60 -0.41 13.08
C GLY B 268 7.88 0.05 11.84
N GLY B 269 6.60 0.40 12.01
CA GLY B 269 5.73 0.80 10.92
C GLY B 269 6.28 1.94 10.10
N ALA B 270 6.02 1.89 8.80
CA ALA B 270 6.45 2.93 7.86
C ALA B 270 7.95 3.16 7.82
N SER B 271 8.74 2.18 8.23
CA SER B 271 10.16 2.31 8.10
C SER B 271 10.59 2.06 6.66
N VAL B 272 11.57 2.84 6.24
CA VAL B 272 12.02 2.77 4.87
C VAL B 272 13.46 2.29 4.90
N ILE B 273 13.71 1.16 4.28
CA ILE B 273 15.01 0.58 4.45
C ILE B 273 15.75 0.49 3.14
N ASN B 274 16.91 1.11 3.11
CA ASN B 274 17.82 0.90 2.01
C ASN B 274 18.15 -0.57 1.75
N GLY B 275 18.57 -0.84 0.52
CA GLY B 275 18.82 -2.19 0.08
C GLY B 275 20.30 -2.48 -0.08
N HIS B 276 20.56 -3.68 -0.57
CA HIS B 276 21.89 -4.27 -0.70
C HIS B 276 22.78 -4.12 0.49
N MET B 277 22.31 -4.66 1.57
CA MET B 277 22.76 -4.22 2.87
C MET B 277 22.31 -5.20 3.92
N GLU B 278 22.78 -5.01 5.14
CA GLU B 278 22.57 -6.02 6.16
C GLU B 278 22.20 -5.40 7.48
N ILE B 279 21.25 -6.00 8.17
CA ILE B 279 20.85 -5.58 9.50
C ILE B 279 21.00 -6.80 10.39
N CYS B 280 21.83 -6.68 11.43
CA CYS B 280 22.14 -7.81 12.31
C CYS B 280 20.96 -8.24 13.17
N ASP B 281 21.08 -9.41 13.79
CA ASP B 281 20.16 -9.90 14.82
C ASP B 281 19.81 -8.90 15.92
N LYS B 282 18.59 -9.01 16.43
CA LYS B 282 18.14 -8.28 17.61
C LYS B 282 18.29 -6.79 17.47
N VAL B 283 18.05 -6.30 16.26
CA VAL B 283 17.95 -4.88 16.01
C VAL B 283 16.48 -4.47 16.02
N THR B 284 16.22 -3.32 16.62
CA THR B 284 14.86 -2.78 16.65
C THR B 284 14.85 -1.44 15.94
N VAL B 285 13.91 -1.25 15.03
CA VAL B 285 13.79 0.02 14.32
C VAL B 285 12.47 0.67 14.67
N THR B 286 12.55 1.83 15.29
CA THR B 286 11.39 2.63 15.61
C THR B 286 10.54 2.96 14.39
N GLY B 287 9.28 3.37 14.64
CA GLY B 287 8.37 3.81 13.61
C GLY B 287 8.94 4.97 12.78
N MET B 288 8.75 4.89 11.47
CA MET B 288 9.31 5.85 10.53
C MET B 288 10.84 5.89 10.43
N GLY B 289 11.50 4.79 10.73
CA GLY B 289 12.94 4.71 10.57
C GLY B 289 13.39 4.92 9.14
N MET B 290 14.35 5.82 8.97
CA MET B 290 15.04 6.03 7.70
C MET B 290 16.38 5.28 7.72
N VAL B 291 16.37 4.06 7.21
CA VAL B 291 17.54 3.18 7.30
C VAL B 291 18.37 3.15 6.03
N MET B 292 19.33 4.06 5.93
CA MET B 292 20.27 4.14 4.79
C MET B 292 21.52 3.27 4.97
N ARG B 293 22.03 3.20 6.20
CA ARG B 293 23.29 2.50 6.48
C ARG B 293 23.08 1.15 7.17
N PRO B 294 24.00 0.21 6.93
CA PRO B 294 23.94 -1.11 7.56
C PRO B 294 24.04 -1.02 9.07
N ILE B 295 23.35 -1.92 9.74
CA ILE B 295 23.32 -1.92 11.19
C ILE B 295 24.08 -3.13 11.69
N THR B 296 25.20 -2.90 12.36
CA THR B 296 26.15 -3.96 12.67
C THR B 296 26.18 -4.30 14.15
N GLU B 297 25.48 -3.48 14.95
CA GLU B 297 25.40 -3.70 16.38
C GLU B 297 23.94 -3.73 16.81
N PRO B 298 23.58 -4.71 17.64
CA PRO B 298 22.21 -4.85 18.11
C PRO B 298 21.75 -3.58 18.82
N GLY B 299 20.53 -3.60 19.36
CA GLY B 299 20.00 -2.44 20.05
C GLY B 299 18.94 -1.70 19.25
N VAL B 300 18.46 -0.58 19.79
CA VAL B 300 17.31 0.14 19.26
C VAL B 300 17.71 1.42 18.53
N TYR B 301 17.15 1.65 17.34
CA TYR B 301 17.56 2.79 16.49
C TYR B 301 16.39 3.66 16.04
N SER B 302 16.63 4.95 15.87
CA SER B 302 15.53 5.88 15.61
C SER B 302 15.86 7.09 14.72
N SER B 303 14.83 7.61 14.05
CA SER B 303 14.97 8.87 13.33
C SER B 303 13.69 9.70 13.23
N GLY B 304 13.87 10.96 12.85
CA GLY B 304 12.73 11.82 12.60
C GLY B 304 12.42 12.82 13.70
N ILE B 305 11.94 13.99 13.30
CA ILE B 305 11.45 14.98 14.24
C ILE B 305 9.96 14.82 14.42
N PRO B 306 9.53 14.50 15.65
CA PRO B 306 8.10 14.31 15.87
C PRO B 306 7.34 15.58 15.60
N LEU B 307 6.04 15.41 15.49
CA LEU B 307 5.10 16.47 15.24
C LEU B 307 5.27 17.61 16.23
N GLN B 308 5.00 18.83 15.78
CA GLN B 308 4.73 19.96 16.67
C GLN B 308 3.63 20.88 16.15
N PRO B 309 3.14 21.79 16.99
CA PRO B 309 2.15 22.74 16.49
C PRO B 309 2.72 23.61 15.38
N ASN B 310 1.91 23.83 14.37
CA ASN B 310 2.34 24.52 13.17
C ASN B 310 3.15 25.83 13.35
N LYS B 311 2.66 26.76 14.17
CA LYS B 311 3.41 27.97 14.44
C LYS B 311 4.84 27.65 14.84
N VAL B 312 5.00 26.72 15.78
CA VAL B 312 6.30 26.30 16.28
C VAL B 312 7.11 25.56 15.21
N TRP B 313 6.46 24.64 14.48
CA TRP B 313 7.17 23.87 13.46
C TRP B 313 7.78 24.76 12.38
N ARG B 314 7.06 25.80 11.98
CA ARG B 314 7.53 26.63 10.88
C ARG B 314 8.90 27.22 11.18
N LYS B 315 9.11 27.60 12.44
CA LYS B 315 10.39 28.17 12.86
C LYS B 315 11.43 27.07 12.85
N THR B 316 11.02 25.91 13.35
CA THR B 316 11.93 24.80 13.51
C THR B 316 12.47 24.34 12.17
N ALA B 317 11.57 24.09 11.22
CA ALA B 317 12.00 23.76 9.86
C ALA B 317 12.92 24.84 9.26
N ALA B 318 12.52 26.11 9.34
CA ALA B 318 13.33 27.21 8.82
C ALA B 318 14.73 27.36 9.42
N LEU B 319 14.87 27.13 10.73
CA LEU B 319 16.20 27.15 11.35
C LEU B 319 17.03 25.90 10.98
N VAL B 320 16.35 24.80 10.71
CA VAL B 320 17.04 23.57 10.39
C VAL B 320 17.64 23.69 9.01
N MET B 321 16.90 24.32 8.13
CA MET B 321 17.38 24.45 6.77
C MET B 321 18.50 25.47 6.69
N ASN B 322 18.66 26.26 7.75
CA ASN B 322 19.76 27.23 7.86
C ASN B 322 20.76 26.90 8.96
N ILE B 323 20.78 25.64 9.37
CA ILE B 323 21.70 25.16 10.36
C ILE B 323 23.13 25.49 9.96
N ASP B 324 23.33 25.69 8.67
CA ASP B 324 24.64 26.05 8.14
C ASP B 324 25.04 27.46 8.53
N ASP B 325 24.21 28.43 8.17
CA ASP B 325 24.50 29.80 8.56
C ASP B 325 24.57 29.90 10.08
N MET B 326 23.73 29.14 10.76
CA MET B 326 23.75 29.17 12.21
C MET B 326 25.01 28.50 12.74
N SER B 327 25.50 27.49 12.05
CA SER B 327 26.76 26.88 12.43
C SER B 327 27.89 27.89 12.35
N LYS B 328 27.96 28.62 11.25
CA LYS B 328 29.08 29.53 10.97
C LYS B 328 29.12 30.68 11.94
N ARG B 329 27.95 31.25 12.23
CA ARG B 329 27.87 32.29 13.23
C ARG B 329 28.65 31.82 14.46
N LEU B 330 28.46 30.55 14.80
CA LEU B 330 29.03 30.00 16.01
C LEU B 330 30.56 29.99 15.97
N LYS B 331 31.13 29.55 14.86
CA LYS B 331 32.57 29.50 14.79
C LYS B 331 33.19 30.89 14.76
N SER B 332 32.42 31.88 14.31
CA SER B 332 32.91 33.27 14.28
C SER B 332 33.04 33.87 15.68
N LEU B 333 32.14 33.51 16.59
CA LEU B 333 32.29 33.93 17.97
C LEU B 333 33.31 33.04 18.65
N GLU B 334 33.34 31.78 18.25
CA GLU B 334 34.30 30.83 18.80
C GLU B 334 35.74 31.22 18.42
N ARG B 335 35.87 32.09 17.42
CA ARG B 335 37.16 32.61 17.03
C ARG B 335 37.39 34.00 17.61
N LYS B 336 36.31 34.79 17.68
CA LYS B 336 36.37 36.14 18.23
C LYS B 336 36.80 36.13 19.69
N VAL B 337 36.56 35.03 20.37
CA VAL B 337 36.83 34.94 21.80
C VAL B 337 38.09 34.13 22.11
N ASN B 338 38.52 33.32 21.15
CA ASN B 338 39.71 32.49 21.33
C ASN B 338 40.99 33.30 21.38
N GLN B 339 41.17 34.15 20.38
CA GLN B 339 42.40 34.92 20.23
C GLN B 339 42.36 36.26 20.97
N GLN B 340 41.20 36.94 20.91
CA GLN B 340 41.08 38.31 21.41
C GLN B 340 40.64 38.43 22.87
N ASP B 341 41.61 38.50 23.77
CA ASP B 341 41.36 38.65 25.19
C ASP B 341 41.92 39.98 25.72
N MET C 1 11.33 -23.88 -22.39
CA MET C 1 11.72 -24.60 -23.59
C MET C 1 13.05 -25.33 -23.43
N ALA C 2 13.61 -25.76 -24.55
CA ALA C 2 14.87 -26.48 -24.55
C ALA C 2 16.05 -25.53 -24.77
N SER C 3 17.24 -26.06 -24.51
CA SER C 3 18.47 -25.28 -24.53
C SER C 3 18.87 -24.79 -25.92
N ILE C 4 19.97 -24.05 -25.98
CA ILE C 4 20.62 -23.74 -27.25
C ILE C 4 22.15 -23.74 -27.09
N ARG C 5 22.86 -24.05 -28.16
CA ARG C 5 24.31 -24.07 -28.14
C ARG C 5 24.87 -22.69 -27.80
N LEU C 6 26.01 -22.68 -27.11
CA LEU C 6 26.62 -21.43 -26.65
C LEU C 6 26.92 -20.51 -27.83
N ALA C 7 27.29 -21.10 -28.96
CA ALA C 7 27.58 -20.32 -30.16
C ALA C 7 26.34 -19.54 -30.63
N ASP C 8 25.26 -20.26 -30.90
CA ASP C 8 24.00 -19.65 -31.35
C ASP C 8 23.72 -18.41 -30.52
N LEU C 9 23.96 -18.55 -29.22
CA LEU C 9 23.68 -17.49 -28.27
C LEU C 9 24.66 -16.33 -28.42
N ALA C 10 25.95 -16.64 -28.53
CA ALA C 10 26.99 -15.61 -28.61
C ALA C 10 26.73 -14.62 -29.75
N GLN C 11 26.16 -15.10 -30.86
CA GLN C 11 25.80 -14.23 -31.96
C GLN C 11 24.70 -13.28 -31.55
N GLN C 12 23.59 -13.87 -31.08
CA GLN C 12 22.41 -13.12 -30.72
C GLN C 12 22.68 -12.10 -29.61
N LEU C 13 23.82 -12.24 -28.94
CA LEU C 13 24.21 -11.30 -27.89
C LEU C 13 25.35 -10.37 -28.34
N ASP C 14 25.91 -10.65 -29.51
CA ASP C 14 26.98 -9.84 -30.07
C ASP C 14 28.29 -9.95 -29.28
N ALA C 15 28.65 -11.19 -28.95
CA ALA C 15 29.77 -11.47 -28.09
C ALA C 15 30.87 -12.33 -28.70
N GLU C 16 32.05 -12.27 -28.10
CA GLU C 16 33.19 -13.07 -28.53
C GLU C 16 33.26 -14.38 -27.75
N LEU C 17 33.09 -15.50 -28.45
CA LEU C 17 33.15 -16.81 -27.83
C LEU C 17 34.59 -17.35 -27.73
N HIS C 18 35.12 -17.34 -26.52
CA HIS C 18 36.45 -17.87 -26.22
C HIS C 18 36.32 -19.24 -25.58
N GLY C 19 36.06 -20.28 -26.36
CA GLY C 19 36.09 -21.61 -25.80
C GLY C 19 35.24 -22.59 -26.56
N ASP C 20 35.04 -23.76 -25.97
CA ASP C 20 34.18 -24.75 -26.58
C ASP C 20 32.98 -23.93 -27.02
N GLY C 21 32.43 -24.26 -28.18
CA GLY C 21 31.28 -23.53 -28.70
C GLY C 21 30.04 -24.40 -28.78
N ASP C 22 30.21 -25.68 -28.49
CA ASP C 22 29.12 -26.66 -28.52
C ASP C 22 28.61 -26.98 -27.12
N ILE C 23 29.05 -26.18 -26.15
CA ILE C 23 28.54 -26.29 -24.78
C ILE C 23 27.02 -25.99 -24.73
N VAL C 24 26.26 -26.92 -24.14
CA VAL C 24 24.81 -26.81 -24.07
C VAL C 24 24.34 -26.03 -22.82
N ILE C 25 23.37 -25.13 -23.00
CA ILE C 25 22.92 -24.27 -21.90
C ILE C 25 21.39 -24.23 -21.74
N THR C 26 20.92 -24.60 -20.54
CA THR C 26 19.48 -24.73 -20.27
C THR C 26 18.85 -23.53 -19.55
N GLY C 27 19.67 -22.61 -19.04
CA GLY C 27 19.14 -21.51 -18.29
C GLY C 27 20.20 -20.58 -17.72
N VAL C 28 19.76 -19.66 -16.89
CA VAL C 28 20.66 -18.70 -16.30
C VAL C 28 20.71 -18.91 -14.79
N ALA C 29 21.86 -18.69 -14.19
CA ALA C 29 21.99 -18.82 -12.76
C ALA C 29 22.93 -17.78 -12.23
N SER C 30 23.10 -17.74 -10.92
CA SER C 30 24.09 -16.84 -10.35
C SER C 30 25.39 -17.61 -10.24
N MET C 31 26.49 -16.86 -10.10
CA MET C 31 27.79 -17.47 -9.92
C MET C 31 27.72 -18.43 -8.74
N GLN C 32 27.13 -17.94 -7.66
CA GLN C 32 27.08 -18.70 -6.41
C GLN C 32 26.39 -20.04 -6.57
N SER C 33 25.34 -20.11 -7.38
CA SER C 33 24.61 -21.36 -7.45
C SER C 33 24.46 -21.94 -8.85
N ALA C 34 25.41 -21.63 -9.72
CA ALA C 34 25.41 -22.15 -11.08
C ALA C 34 25.80 -23.63 -11.11
N GLN C 35 25.33 -24.31 -12.15
CA GLN C 35 25.67 -25.70 -12.40
C GLN C 35 26.03 -25.87 -13.85
N THR C 36 26.36 -27.10 -14.23
CA THR C 36 26.58 -27.39 -15.63
C THR C 36 25.28 -27.19 -16.40
N GLY C 37 25.35 -26.36 -17.44
CA GLY C 37 24.20 -25.98 -18.24
C GLY C 37 23.73 -24.55 -18.01
N HIS C 38 24.29 -23.90 -17.00
CA HIS C 38 23.84 -22.57 -16.66
C HIS C 38 24.89 -21.56 -17.14
N ILE C 39 24.44 -20.44 -17.67
CA ILE C 39 25.40 -19.39 -17.95
C ILE C 39 25.28 -18.32 -16.90
N THR C 40 26.37 -18.03 -16.19
CA THR C 40 26.38 -16.85 -15.35
C THR C 40 27.18 -15.78 -16.01
N PHE C 41 27.36 -14.69 -15.30
CA PHE C 41 28.07 -13.55 -15.83
C PHE C 41 28.83 -12.85 -14.74
N MET C 42 29.78 -12.03 -15.13
CA MET C 42 30.42 -11.14 -14.19
C MET C 42 31.07 -9.94 -14.88
N VAL C 43 30.78 -8.81 -14.26
CA VAL C 43 31.65 -7.69 -14.09
C VAL C 43 31.84 -7.53 -12.58
N ASN C 44 31.29 -8.52 -11.78
CA ASN C 44 31.54 -8.39 -10.35
C ASN C 44 33.03 -8.56 -10.00
N PRO C 45 33.75 -7.46 -10.12
CA PRO C 45 35.20 -7.38 -10.30
C PRO C 45 36.06 -8.36 -9.52
N LYS C 46 36.09 -8.13 -8.21
CA LYS C 46 37.00 -8.78 -7.29
C LYS C 46 36.64 -10.26 -7.21
N TYR C 47 35.70 -10.67 -8.06
CA TYR C 47 35.13 -12.01 -8.01
C TYR C 47 35.76 -12.91 -9.05
N ARG C 48 36.90 -12.48 -9.54
CA ARG C 48 37.68 -13.32 -10.44
C ARG C 48 38.51 -14.30 -9.61
N GLU C 49 38.75 -13.92 -8.37
CA GLU C 49 39.39 -14.73 -7.34
C GLU C 49 38.66 -16.07 -7.12
N HIS C 50 37.34 -16.07 -7.24
CA HIS C 50 36.53 -17.27 -6.95
C HIS C 50 35.95 -17.96 -8.19
N LEU C 51 36.45 -17.61 -9.37
CA LEU C 51 35.90 -18.13 -10.62
C LEU C 51 36.14 -19.63 -10.76
N GLY C 52 37.29 -20.08 -10.25
CA GLY C 52 37.73 -21.46 -10.41
C GLY C 52 36.80 -22.49 -9.83
N LEU C 53 36.10 -22.10 -8.77
CA LEU C 53 35.17 -22.99 -8.08
C LEU C 53 33.72 -22.70 -8.45
N CYS C 54 33.52 -21.64 -9.23
CA CYS C 54 32.26 -21.40 -9.89
C CYS C 54 31.96 -22.54 -10.87
N GLN C 55 30.75 -23.09 -10.79
CA GLN C 55 30.39 -24.27 -11.57
C GLN C 55 29.65 -23.98 -12.87
N ALA C 56 29.51 -22.71 -13.20
CA ALA C 56 28.83 -22.34 -14.43
C ALA C 56 29.58 -22.89 -15.65
N SER C 57 28.83 -23.20 -16.71
CA SER C 57 29.44 -23.67 -17.95
C SER C 57 30.05 -22.52 -18.79
N ALA C 58 29.48 -21.32 -18.65
CA ALA C 58 30.02 -20.16 -19.34
C ALA C 58 29.79 -18.89 -18.53
N VAL C 59 30.63 -17.89 -18.72
CA VAL C 59 30.52 -16.64 -17.99
C VAL C 59 30.60 -15.45 -18.94
N VAL C 60 29.81 -14.43 -18.66
CA VAL C 60 29.87 -13.21 -19.45
C VAL C 60 30.78 -12.20 -18.77
N MET C 61 31.72 -11.67 -19.54
CA MET C 61 32.92 -11.07 -18.99
C MET C 61 33.53 -10.03 -19.94
N THR C 62 34.07 -8.95 -19.37
CA THR C 62 34.83 -7.99 -20.16
C THR C 62 36.12 -8.66 -20.65
N GLN C 63 36.95 -7.95 -21.40
CA GLN C 63 38.18 -8.54 -21.93
C GLN C 63 39.34 -8.48 -20.94
N ASP C 64 39.34 -7.46 -20.08
CA ASP C 64 40.31 -7.31 -19.01
C ASP C 64 40.29 -8.51 -18.06
N ASP C 65 39.12 -9.17 -17.99
CA ASP C 65 38.92 -10.33 -17.14
C ASP C 65 39.11 -11.64 -17.89
N LEU C 66 39.38 -11.55 -19.20
CA LEU C 66 39.53 -12.73 -20.05
C LEU C 66 40.62 -13.73 -19.61
N PRO C 67 41.74 -13.23 -19.01
CA PRO C 67 42.83 -14.09 -18.51
C PRO C 67 42.46 -15.02 -17.34
N PHE C 68 41.33 -14.76 -16.67
CA PHE C 68 40.90 -15.56 -15.53
C PHE C 68 39.92 -16.67 -15.95
N ALA C 69 39.68 -16.78 -17.25
CA ALA C 69 38.73 -17.76 -17.77
C ALA C 69 39.11 -19.16 -17.31
N LYS C 70 38.26 -19.74 -16.49
CA LYS C 70 38.44 -21.11 -16.05
C LYS C 70 37.27 -21.92 -16.62
N SER C 71 36.67 -21.31 -17.64
CA SER C 71 35.53 -21.86 -18.35
C SER C 71 35.37 -21.06 -19.66
N ALA C 72 34.44 -21.51 -20.52
CA ALA C 72 34.09 -20.79 -21.74
C ALA C 72 33.61 -19.40 -21.29
N ALA C 73 34.35 -18.35 -21.66
CA ALA C 73 33.97 -16.99 -21.29
C ALA C 73 33.45 -16.31 -22.54
N LEU C 74 32.53 -15.36 -22.34
CA LEU C 74 32.03 -14.54 -23.44
C LEU C 74 32.39 -13.09 -23.15
N VAL C 75 32.98 -12.43 -24.15
CA VAL C 75 33.45 -11.07 -23.97
C VAL C 75 32.49 -10.07 -24.63
N VAL C 76 32.12 -9.05 -23.86
CA VAL C 76 31.28 -7.95 -24.34
C VAL C 76 31.78 -6.66 -23.70
N LYS C 77 31.12 -5.54 -24.00
CA LYS C 77 31.51 -4.26 -23.39
C LYS C 77 30.58 -3.86 -22.22
N ASN C 78 29.37 -4.40 -22.21
CA ASN C 78 28.50 -4.32 -21.02
C ASN C 78 27.84 -5.65 -20.64
N PRO C 79 28.33 -6.28 -19.56
CA PRO C 79 27.90 -7.61 -19.10
C PRO C 79 26.45 -7.68 -18.60
N TYR C 80 26.08 -6.78 -17.70
CA TYR C 80 24.73 -6.76 -17.19
C TYR C 80 23.77 -6.71 -18.36
N LEU C 81 24.08 -5.88 -19.36
CA LEU C 81 23.23 -5.74 -20.53
C LEU C 81 23.13 -7.06 -21.27
N THR C 82 24.24 -7.72 -21.37
CA THR C 82 24.27 -8.98 -22.06
C THR C 82 23.40 -9.98 -21.32
N TYR C 83 23.47 -9.92 -20.01
CA TYR C 83 22.69 -10.78 -19.16
C TYR C 83 21.26 -10.54 -19.53
N ALA C 84 20.87 -9.27 -19.44
CA ALA C 84 19.51 -8.88 -19.58
C ALA C 84 18.87 -9.46 -20.78
N ARG C 85 19.64 -9.66 -21.83
CA ARG C 85 19.08 -10.22 -23.03
C ARG C 85 19.12 -11.71 -23.06
N MET C 86 20.21 -12.29 -22.60
CA MET C 86 20.26 -13.74 -22.61
C MET C 86 19.16 -14.22 -21.77
N ALA C 87 18.80 -13.42 -20.79
CA ALA C 87 17.74 -13.77 -19.86
C ALA C 87 16.42 -13.85 -20.62
N GLN C 88 16.20 -12.89 -21.50
CA GLN C 88 14.99 -12.87 -22.30
C GLN C 88 15.00 -14.06 -23.24
N ILE C 89 16.19 -14.34 -23.74
CA ILE C 89 16.37 -15.44 -24.65
C ILE C 89 16.03 -16.76 -23.96
N LEU C 90 16.42 -16.88 -22.69
CA LEU C 90 16.23 -18.11 -21.93
C LEU C 90 15.09 -18.07 -20.89
N ASP C 91 14.09 -17.22 -21.12
CA ASP C 91 13.01 -16.98 -20.17
C ASP C 91 12.13 -18.18 -19.81
N THR C 92 11.90 -18.35 -18.51
CA THR C 92 11.08 -19.46 -18.01
C THR C 92 9.70 -18.96 -17.66
N THR C 93 9.58 -17.67 -17.36
CA THR C 93 8.32 -17.15 -16.90
C THR C 93 7.17 -17.62 -17.80
N PRO C 94 6.15 -18.23 -17.20
CA PRO C 94 4.96 -18.69 -17.92
C PRO C 94 4.09 -17.51 -18.34
N GLN C 95 3.07 -17.81 -19.13
CA GLN C 95 2.12 -16.79 -19.50
C GLN C 95 0.95 -16.84 -18.51
N PRO C 96 0.43 -15.65 -18.14
CA PRO C 96 -0.78 -15.49 -17.30
C PRO C 96 -1.96 -16.33 -17.78
N ALA C 97 -2.04 -16.61 -19.07
CA ALA C 97 -3.11 -17.45 -19.58
C ALA C 97 -2.72 -18.00 -20.94
N GLN C 98 -3.49 -18.98 -21.42
CA GLN C 98 -3.40 -19.49 -22.79
C GLN C 98 -4.84 -19.77 -23.22
N ASN C 99 -5.24 -19.25 -24.37
CA ASN C 99 -6.61 -19.42 -24.84
C ASN C 99 -7.62 -18.57 -24.06
N ILE C 100 -8.88 -18.76 -24.40
CA ILE C 100 -9.96 -18.24 -23.60
C ILE C 100 -10.41 -19.34 -22.65
N ALA C 101 -10.32 -19.09 -21.36
CA ALA C 101 -10.80 -20.02 -20.37
C ALA C 101 -12.33 -20.09 -20.46
N PRO C 102 -12.89 -21.31 -20.37
CA PRO C 102 -14.34 -21.53 -20.40
C PRO C 102 -15.09 -20.72 -19.34
N SER C 103 -14.39 -20.42 -18.25
CA SER C 103 -15.00 -19.78 -17.09
C SER C 103 -14.89 -18.25 -17.06
N ALA C 104 -14.15 -17.69 -18.02
CA ALA C 104 -14.02 -16.24 -18.13
C ALA C 104 -15.33 -15.66 -18.65
N VAL C 105 -15.78 -14.55 -18.08
CA VAL C 105 -17.06 -13.94 -18.44
C VAL C 105 -16.87 -12.73 -19.33
N ILE C 106 -17.22 -12.90 -20.60
CA ILE C 106 -16.89 -11.96 -21.65
C ILE C 106 -18.14 -11.46 -22.35
N ASP C 107 -18.39 -10.17 -22.20
CA ASP C 107 -19.57 -9.54 -22.76
C ASP C 107 -19.56 -9.69 -24.29
N ALA C 108 -20.69 -10.13 -24.82
CA ALA C 108 -20.84 -10.34 -26.26
C ALA C 108 -20.44 -9.13 -27.12
N THR C 109 -20.36 -7.95 -26.48
CA THR C 109 -20.05 -6.70 -27.16
C THR C 109 -18.55 -6.46 -27.31
N ALA C 110 -17.76 -7.05 -26.41
CA ALA C 110 -16.32 -6.81 -26.41
C ALA C 110 -15.66 -7.26 -27.72
N LYS C 111 -14.67 -6.49 -28.17
CA LYS C 111 -13.93 -6.83 -29.39
C LYS C 111 -12.51 -7.31 -29.10
N LEU C 112 -12.21 -8.54 -29.51
CA LEU C 112 -10.89 -9.16 -29.35
C LEU C 112 -10.10 -9.21 -30.65
N GLY C 113 -8.81 -8.90 -30.56
CA GLY C 113 -7.89 -9.08 -31.67
C GLY C 113 -7.47 -10.54 -31.83
N ASN C 114 -6.39 -10.77 -32.58
CA ASN C 114 -5.93 -12.13 -32.83
C ASN C 114 -5.13 -12.69 -31.66
N ASN C 115 -5.36 -13.96 -31.35
CA ASN C 115 -4.55 -14.63 -30.36
C ASN C 115 -4.47 -13.85 -29.06
N VAL C 116 -5.62 -13.44 -28.54
CA VAL C 116 -5.68 -12.99 -27.16
C VAL C 116 -5.98 -14.21 -26.30
N SER C 117 -5.43 -14.20 -25.11
CA SER C 117 -5.80 -15.24 -24.17
C SER C 117 -6.29 -14.56 -22.89
N ILE C 118 -7.27 -15.19 -22.26
CA ILE C 118 -7.97 -14.62 -21.12
C ILE C 118 -8.12 -15.66 -20.05
N GLY C 119 -7.68 -15.34 -18.84
CA GLY C 119 -7.64 -16.32 -17.79
C GLY C 119 -9.00 -16.69 -17.23
N ALA C 120 -8.98 -17.61 -16.26
CA ALA C 120 -10.16 -18.10 -15.59
C ALA C 120 -10.79 -17.01 -14.74
N ASN C 121 -12.11 -17.00 -14.69
CA ASN C 121 -12.87 -16.06 -13.89
C ASN C 121 -12.49 -14.63 -14.15
N ALA C 122 -11.87 -14.36 -15.30
CA ALA C 122 -11.64 -12.98 -15.66
C ALA C 122 -12.99 -12.43 -16.07
N VAL C 123 -13.17 -11.11 -16.01
CA VAL C 123 -14.44 -10.49 -16.36
C VAL C 123 -14.24 -9.28 -17.25
N ILE C 124 -14.72 -9.39 -18.47
CA ILE C 124 -14.55 -8.36 -19.46
C ILE C 124 -15.91 -7.73 -19.69
N GLU C 125 -16.06 -6.43 -19.46
CA GLU C 125 -17.36 -5.85 -19.60
C GLU C 125 -17.60 -5.32 -21.01
N SER C 126 -18.77 -4.78 -21.23
CA SER C 126 -19.19 -4.43 -22.56
C SER C 126 -18.29 -3.32 -23.09
N GLY C 127 -18.13 -3.29 -24.42
CA GLY C 127 -17.48 -2.19 -25.11
C GLY C 127 -15.96 -2.25 -25.08
N VAL C 128 -15.44 -3.28 -24.44
CA VAL C 128 -14.02 -3.37 -24.19
C VAL C 128 -13.32 -3.87 -25.44
N GLU C 129 -12.17 -3.28 -25.73
CA GLU C 129 -11.37 -3.70 -26.86
C GLU C 129 -10.02 -4.19 -26.40
N LEU C 130 -9.71 -5.45 -26.68
CA LEU C 130 -8.40 -6.02 -26.38
C LEU C 130 -7.67 -6.29 -27.69
N GLY C 131 -6.45 -5.77 -27.82
CA GLY C 131 -5.66 -5.90 -29.04
C GLY C 131 -5.04 -7.27 -29.29
N ASP C 132 -4.42 -7.45 -30.47
CA ASP C 132 -3.69 -8.68 -30.80
C ASP C 132 -2.68 -9.02 -29.74
N ASN C 133 -2.59 -10.29 -29.37
CA ASN C 133 -1.55 -10.78 -28.46
C ASN C 133 -1.75 -10.41 -26.99
N VAL C 134 -2.86 -9.76 -26.68
CA VAL C 134 -3.13 -9.29 -25.33
C VAL C 134 -3.46 -10.47 -24.44
N ILE C 135 -2.95 -10.43 -23.20
CA ILE C 135 -3.17 -11.52 -22.27
C ILE C 135 -3.78 -10.96 -20.98
N ILE C 136 -4.98 -11.44 -20.64
CA ILE C 136 -5.64 -11.01 -19.43
C ILE C 136 -5.57 -12.20 -18.51
N GLY C 137 -5.00 -11.99 -17.32
CA GLY C 137 -4.77 -13.07 -16.40
C GLY C 137 -6.01 -13.48 -15.66
N ALA C 138 -5.88 -14.46 -14.78
CA ALA C 138 -7.00 -14.96 -13.97
C ALA C 138 -7.55 -13.94 -12.99
N GLY C 139 -8.89 -13.93 -12.87
CA GLY C 139 -9.57 -13.13 -11.88
C GLY C 139 -9.53 -11.64 -12.17
N CYS C 140 -9.05 -11.29 -13.36
CA CYS C 140 -9.02 -9.89 -13.74
C CYS C 140 -10.40 -9.24 -14.00
N PHE C 141 -10.46 -7.92 -13.84
CA PHE C 141 -11.66 -7.14 -14.21
C PHE C 141 -11.35 -5.99 -15.15
N VAL C 142 -11.95 -5.99 -16.34
CA VAL C 142 -11.76 -4.87 -17.24
C VAL C 142 -13.07 -4.17 -17.53
N GLY C 143 -13.21 -2.94 -17.05
CA GLY C 143 -14.48 -2.23 -17.07
C GLY C 143 -14.99 -1.70 -18.40
N LYS C 144 -16.21 -1.19 -18.38
CA LYS C 144 -16.86 -0.77 -19.61
C LYS C 144 -16.00 0.20 -20.40
N ASN C 145 -15.87 -0.11 -21.69
CA ASN C 145 -15.32 0.81 -22.69
C ASN C 145 -13.81 1.03 -22.63
N SER C 146 -13.13 0.06 -22.03
CA SER C 146 -11.70 0.18 -21.81
C SER C 146 -10.98 -0.48 -22.95
N LYS C 147 -9.88 0.14 -23.39
CA LYS C 147 -9.10 -0.37 -24.53
C LYS C 147 -7.69 -0.77 -24.11
N ILE C 148 -7.32 -2.01 -24.39
CA ILE C 148 -5.97 -2.48 -24.09
C ILE C 148 -5.25 -2.87 -25.37
N GLY C 149 -4.11 -2.21 -25.59
CA GLY C 149 -3.40 -2.33 -26.84
C GLY C 149 -2.55 -3.56 -27.01
N ALA C 150 -2.22 -3.84 -28.27
CA ALA C 150 -1.51 -5.04 -28.68
C ALA C 150 -0.32 -5.37 -27.81
N GLY C 151 -0.17 -6.63 -27.47
CA GLY C 151 0.95 -7.10 -26.69
C GLY C 151 0.91 -6.87 -25.18
N SER C 152 -0.11 -6.18 -24.68
CA SER C 152 -0.15 -5.89 -23.25
C SER C 152 -0.63 -7.06 -22.38
N ARG C 153 0.03 -7.22 -21.23
CA ARG C 153 -0.27 -8.31 -20.33
C ARG C 153 -0.66 -7.81 -18.98
N LEU C 154 -1.78 -8.31 -18.47
CA LEU C 154 -2.15 -8.12 -17.08
C LEU C 154 -1.98 -9.44 -16.40
N TRP C 155 -1.37 -9.43 -15.23
CA TRP C 155 -1.24 -10.65 -14.45
C TRP C 155 -2.53 -10.88 -13.71
N ALA C 156 -2.57 -11.92 -12.89
CA ALA C 156 -3.80 -12.25 -12.17
C ALA C 156 -4.29 -11.13 -11.27
N ASN C 157 -5.61 -11.00 -11.23
CA ASN C 157 -6.29 -10.15 -10.25
C ASN C 157 -6.01 -8.65 -10.38
N VAL C 158 -5.87 -8.18 -11.61
CA VAL C 158 -5.75 -6.77 -11.85
C VAL C 158 -7.15 -6.21 -12.00
N THR C 159 -7.36 -4.99 -11.53
CA THR C 159 -8.66 -4.40 -11.73
C THR C 159 -8.51 -3.09 -12.45
N ILE C 160 -9.08 -3.06 -13.66
CA ILE C 160 -9.14 -1.90 -14.53
C ILE C 160 -10.57 -1.38 -14.54
N TYR C 161 -10.76 -0.13 -14.19
CA TYR C 161 -12.08 0.46 -14.28
C TYR C 161 -12.47 0.76 -15.70
N HIS C 162 -13.60 1.46 -15.81
CA HIS C 162 -14.18 1.85 -17.08
C HIS C 162 -13.45 3.03 -17.73
N GLU C 163 -13.55 3.10 -19.05
CA GLU C 163 -12.99 4.20 -19.85
C GLU C 163 -11.50 4.46 -19.68
N ILE C 164 -10.73 3.40 -19.45
CA ILE C 164 -9.30 3.49 -19.21
C ILE C 164 -8.66 3.05 -20.50
N GLN C 165 -7.55 3.67 -20.87
CA GLN C 165 -6.89 3.25 -22.10
C GLN C 165 -5.43 2.82 -21.84
N ILE C 166 -5.07 1.64 -22.31
CA ILE C 166 -3.73 1.13 -22.12
C ILE C 166 -3.06 0.88 -23.47
N GLY C 167 -1.83 1.41 -23.60
CA GLY C 167 -1.07 1.31 -24.82
C GLY C 167 -0.58 -0.10 -25.15
N GLN C 168 0.56 -0.17 -25.84
CA GLN C 168 1.09 -1.44 -26.30
C GLN C 168 2.25 -2.00 -25.47
N ASN C 169 2.29 -3.32 -25.37
CA ASN C 169 3.38 -4.02 -24.69
C ASN C 169 3.57 -3.60 -23.23
N CYS C 170 2.47 -3.26 -22.58
CA CYS C 170 2.51 -2.87 -21.17
C CYS C 170 2.47 -4.08 -20.28
N LEU C 171 2.94 -3.91 -19.06
CA LEU C 171 2.91 -4.97 -18.09
C LEU C 171 2.33 -4.49 -16.77
N ILE C 172 1.40 -5.26 -16.23
CA ILE C 172 0.82 -4.90 -14.94
C ILE C 172 0.72 -6.07 -13.98
N GLN C 173 1.38 -5.93 -12.85
CA GLN C 173 1.31 -6.99 -11.86
C GLN C 173 0.01 -7.00 -11.05
N SER C 174 -0.22 -8.13 -10.41
CA SER C 174 -1.41 -8.38 -9.63
C SER C 174 -1.75 -7.32 -8.59
N GLY C 175 -3.04 -7.25 -8.29
CA GLY C 175 -3.57 -6.44 -7.20
C GLY C 175 -3.58 -4.96 -7.51
N THR C 176 -3.19 -4.61 -8.74
CA THR C 176 -3.11 -3.21 -9.11
C THR C 176 -4.49 -2.74 -9.54
N VAL C 177 -4.82 -1.51 -9.15
CA VAL C 177 -6.11 -0.96 -9.45
C VAL C 177 -5.98 0.32 -10.29
N VAL C 178 -6.59 0.32 -11.48
CA VAL C 178 -6.46 1.46 -12.36
C VAL C 178 -7.79 2.14 -12.69
N GLY C 179 -7.97 3.36 -12.20
CA GLY C 179 -9.09 4.22 -12.62
C GLY C 179 -10.15 4.50 -11.58
N ALA C 180 -9.79 4.31 -10.30
CA ALA C 180 -10.72 4.56 -9.22
C ALA C 180 -11.00 6.03 -9.11
N ASP C 181 -12.02 6.40 -8.33
CA ASP C 181 -12.35 7.80 -8.08
C ASP C 181 -11.46 8.43 -7.04
N GLY C 182 -11.02 9.64 -7.35
CA GLY C 182 -10.18 10.39 -6.44
C GLY C 182 -10.98 11.25 -5.48
N PHE C 183 -10.24 11.98 -4.66
CA PHE C 183 -10.80 12.95 -3.74
C PHE C 183 -11.67 13.93 -4.56
N GLY C 184 -12.96 14.01 -4.26
CA GLY C 184 -13.86 14.88 -5.01
C GLY C 184 -15.01 15.25 -4.10
N TYR C 185 -15.03 16.49 -3.61
CA TYR C 185 -15.95 16.87 -2.54
C TYR C 185 -16.28 18.35 -2.49
N ALA C 186 -17.57 18.65 -2.39
CA ALA C 186 -18.05 19.92 -1.86
C ALA C 186 -18.25 19.63 -0.37
N ASN C 187 -18.80 20.56 0.39
CA ASN C 187 -19.03 20.32 1.83
C ASN C 187 -20.41 20.84 2.28
N ASP C 188 -21.38 19.92 2.47
CA ASP C 188 -22.73 20.31 2.89
C ASP C 188 -22.93 20.18 4.38
N ARG C 189 -22.63 21.24 5.13
CA ARG C 189 -22.88 21.28 6.57
C ARG C 189 -22.20 20.16 7.36
N GLY C 190 -20.87 20.13 7.34
CA GLY C 190 -20.13 19.16 8.12
C GLY C 190 -19.71 17.93 7.33
N ASN C 191 -20.60 17.45 6.46
CA ASN C 191 -20.31 16.27 5.67
C ASN C 191 -19.87 16.55 4.24
N TRP C 192 -19.01 15.67 3.75
CA TRP C 192 -18.42 15.77 2.43
C TRP C 192 -19.38 15.24 1.37
N VAL C 193 -19.74 16.09 0.41
CA VAL C 193 -20.60 15.66 -0.70
C VAL C 193 -19.74 15.31 -1.93
N LYS C 194 -19.97 14.11 -2.45
CA LYS C 194 -19.14 13.58 -3.53
C LYS C 194 -19.46 14.28 -4.84
N ILE C 195 -18.43 14.42 -5.66
CA ILE C 195 -18.50 14.92 -7.02
C ILE C 195 -18.04 13.79 -7.95
N PRO C 196 -18.89 13.39 -8.90
CA PRO C 196 -18.54 12.35 -9.87
C PRO C 196 -17.25 12.68 -10.59
N GLN C 197 -16.39 11.67 -10.80
CA GLN C 197 -15.13 11.87 -11.48
C GLN C 197 -15.28 11.22 -12.83
N ILE C 198 -15.16 12.01 -13.90
CA ILE C 198 -15.53 11.50 -15.21
C ILE C 198 -14.40 11.48 -16.22
N GLY C 199 -13.23 11.88 -15.79
CA GLY C 199 -12.02 11.66 -16.54
C GLY C 199 -11.54 10.24 -16.58
N ARG C 200 -10.62 10.01 -16.93
CA ARG C 200 -10.27 8.69 -17.28
C ARG C 200 -8.81 8.46 -17.17
N VAL C 201 -8.21 7.34 -17.50
CA VAL C 201 -6.77 7.25 -17.31
C VAL C 201 -6.14 6.81 -18.56
N ILE C 202 -5.08 7.47 -19.00
CA ILE C 202 -4.47 7.10 -20.27
C ILE C 202 -3.05 6.60 -19.99
N ILE C 203 -2.74 5.38 -20.40
CA ILE C 203 -1.40 4.82 -20.18
C ILE C 203 -0.74 4.57 -21.51
N GLY C 204 0.47 5.11 -21.67
CA GLY C 204 1.22 5.02 -22.90
C GLY C 204 1.78 3.64 -23.20
N ASP C 205 2.66 3.56 -24.19
CA ASP C 205 3.24 2.29 -24.60
C ASP C 205 4.31 1.86 -23.62
N ARG C 206 4.45 0.55 -23.43
CA ARG C 206 5.63 0.01 -22.76
C ARG C 206 5.75 0.45 -21.31
N VAL C 207 4.62 0.44 -20.60
CA VAL C 207 4.65 0.91 -19.24
C VAL C 207 4.63 -0.31 -18.35
N GLU C 208 5.47 -0.32 -17.31
CA GLU C 208 5.47 -1.37 -16.31
C GLU C 208 5.01 -0.88 -14.94
N ILE C 209 3.95 -1.50 -14.45
CA ILE C 209 3.37 -1.14 -13.18
C ILE C 209 3.37 -2.35 -12.26
N GLY C 210 3.94 -2.15 -11.07
CA GLY C 210 4.07 -3.19 -10.08
C GLY C 210 2.79 -3.53 -9.38
N ALA C 211 2.92 -4.39 -8.37
CA ALA C 211 1.77 -4.95 -7.66
C ALA C 211 1.18 -4.01 -6.65
N CYS C 212 -0.14 -4.06 -6.54
CA CYS C 212 -0.91 -3.26 -5.60
C CYS C 212 -0.64 -1.79 -5.71
N THR C 213 -0.44 -1.30 -6.92
CA THR C 213 -0.36 0.12 -7.14
C THR C 213 -1.78 0.71 -7.39
N THR C 214 -1.98 1.97 -7.10
CA THR C 214 -3.29 2.57 -7.38
C THR C 214 -3.13 3.81 -8.23
N ILE C 215 -3.82 3.81 -9.35
CA ILE C 215 -3.78 4.92 -10.26
C ILE C 215 -5.19 5.43 -10.43
N ASP C 216 -5.50 6.57 -9.81
CA ASP C 216 -6.82 7.21 -9.91
C ASP C 216 -7.13 7.88 -11.27
N ARG C 217 -8.36 7.75 -11.68
CA ARG C 217 -8.89 8.47 -12.78
C ARG C 217 -8.87 9.98 -12.62
N GLY C 218 -8.82 10.73 -13.70
CA GLY C 218 -8.88 12.15 -13.60
C GLY C 218 -10.24 12.65 -13.23
N ALA C 219 -10.33 13.89 -12.82
CA ALA C 219 -11.65 14.51 -12.56
C ALA C 219 -12.54 14.74 -13.80
N LEU C 220 -12.07 15.58 -14.72
CA LEU C 220 -12.74 15.81 -16.00
C LEU C 220 -11.74 15.48 -17.09
N ASP C 221 -10.56 16.08 -16.97
CA ASP C 221 -9.45 15.68 -17.80
C ASP C 221 -8.78 14.41 -17.22
N ASP C 222 -7.66 14.01 -17.77
CA ASP C 222 -7.17 12.67 -17.50
C ASP C 222 -5.93 12.57 -16.62
N THR C 223 -5.75 11.41 -16.03
CA THR C 223 -4.45 11.01 -15.47
C THR C 223 -3.65 10.43 -16.63
N ILE C 224 -2.43 10.91 -16.82
CA ILE C 224 -1.62 10.42 -17.94
C ILE C 224 -0.30 9.81 -17.52
N ILE C 225 -0.04 8.59 -17.97
CA ILE C 225 1.24 7.98 -17.81
C ILE C 225 1.98 7.86 -19.13
N GLY C 226 3.12 8.55 -19.22
CA GLY C 226 3.95 8.53 -20.41
C GLY C 226 4.46 7.17 -20.84
N ASN C 227 5.01 7.11 -22.06
CA ASN C 227 5.61 5.89 -22.54
C ASN C 227 6.83 5.44 -21.75
N GLY C 228 6.98 4.14 -21.63
CA GLY C 228 8.19 3.56 -21.07
C GLY C 228 8.44 3.92 -19.62
N VAL C 229 7.38 4.37 -18.93
CA VAL C 229 7.44 4.68 -17.51
C VAL C 229 7.43 3.38 -16.70
N ILE C 230 8.14 3.38 -15.59
CA ILE C 230 8.01 2.27 -14.67
C ILE C 230 7.64 2.76 -13.29
N ILE C 231 6.57 2.17 -12.79
CA ILE C 231 6.02 2.43 -11.48
C ILE C 231 6.11 1.11 -10.74
N ASP C 232 6.68 1.16 -9.53
CA ASP C 232 6.90 -0.02 -8.72
C ASP C 232 5.68 -0.21 -7.76
N ASN C 233 5.83 -1.12 -6.81
CA ASN C 233 4.74 -1.53 -5.93
C ASN C 233 4.11 -0.48 -5.03
N GLN C 234 2.79 -0.53 -4.92
CA GLN C 234 2.06 0.23 -3.93
C GLN C 234 2.35 1.70 -3.97
N CYS C 235 2.56 2.21 -5.17
CA CYS C 235 2.59 3.64 -5.37
C CYS C 235 1.16 4.08 -5.48
N GLN C 236 0.95 5.33 -5.09
CA GLN C 236 -0.31 5.99 -5.15
C GLN C 236 -0.20 7.15 -6.15
N ILE C 237 -0.76 6.97 -7.34
CA ILE C 237 -0.77 8.06 -8.29
C ILE C 237 -2.17 8.67 -8.29
N ALA C 238 -2.28 9.89 -7.78
CA ALA C 238 -3.58 10.53 -7.67
C ALA C 238 -4.16 11.05 -9.00
N HIS C 239 -5.37 11.65 -8.90
CA HIS C 239 -6.15 12.18 -10.03
C HIS C 239 -5.39 13.28 -10.75
N ASN C 240 -5.34 13.19 -12.07
CA ASN C 240 -4.80 14.28 -12.85
C ASN C 240 -3.27 14.39 -12.83
N VAL C 241 -2.63 13.44 -12.16
CA VAL C 241 -1.18 13.29 -12.24
C VAL C 241 -0.78 12.92 -13.66
N VAL C 242 0.22 13.62 -14.15
CA VAL C 242 0.78 13.39 -15.46
C VAL C 242 2.25 13.07 -15.26
N ILE C 243 2.68 11.90 -15.75
CA ILE C 243 4.04 11.46 -15.59
C ILE C 243 4.72 11.34 -16.95
N GLY C 244 5.90 11.93 -17.09
CA GLY C 244 6.56 12.00 -18.38
C GLY C 244 7.20 10.72 -18.87
N ASP C 245 7.62 10.73 -20.14
CA ASP C 245 8.22 9.57 -20.76
C ASP C 245 9.44 9.07 -19.98
N ASN C 246 9.47 7.78 -19.68
CA ASN C 246 10.70 7.14 -19.24
C ASN C 246 11.06 7.40 -17.77
N THR C 247 10.21 8.12 -17.03
CA THR C 247 10.56 8.32 -15.63
C THR C 247 10.35 7.03 -14.83
N ALA C 248 11.12 6.89 -13.75
CA ALA C 248 11.05 5.67 -12.92
C ALA C 248 10.56 6.02 -11.52
N VAL C 249 9.64 5.24 -10.99
CA VAL C 249 9.06 5.54 -9.71
C VAL C 249 9.17 4.32 -8.84
N ALA C 250 9.98 4.40 -7.79
CA ALA C 250 10.14 3.30 -6.85
C ALA C 250 8.94 3.10 -5.91
N GLY C 251 9.06 2.15 -4.99
CA GLY C 251 7.94 1.67 -4.22
C GLY C 251 7.40 2.60 -3.16
N GLY C 252 6.14 2.40 -2.83
CA GLY C 252 5.49 3.16 -1.77
C GLY C 252 5.47 4.66 -1.96
N VAL C 253 5.72 5.14 -3.19
CA VAL C 253 5.66 6.58 -3.48
C VAL C 253 4.25 7.12 -3.56
N ILE C 254 4.05 8.33 -3.05
CA ILE C 254 2.71 8.89 -2.92
C ILE C 254 2.62 10.23 -3.63
N MET C 255 1.81 10.31 -4.67
CA MET C 255 1.74 11.55 -5.45
C MET C 255 0.36 12.17 -5.35
N ALA C 256 0.30 13.40 -4.84
CA ALA C 256 -0.98 14.10 -4.75
C ALA C 256 -1.48 14.51 -6.15
N GLY C 257 -2.78 14.82 -6.24
CA GLY C 257 -3.42 15.13 -7.50
C GLY C 257 -2.88 16.38 -8.19
N SER C 258 -2.89 16.39 -9.53
CA SER C 258 -2.48 17.57 -10.30
C SER C 258 -0.97 17.81 -10.43
N LEU C 259 -0.18 16.89 -9.90
CA LEU C 259 1.25 16.86 -10.11
C LEU C 259 1.65 16.46 -11.56
N LYS C 260 2.53 17.25 -12.18
CA LYS C 260 3.14 16.90 -13.45
C LYS C 260 4.63 16.67 -13.27
N ILE C 261 5.10 15.48 -13.60
CA ILE C 261 6.49 15.11 -13.46
C ILE C 261 7.00 14.95 -14.85
N GLY C 262 8.14 15.56 -15.17
CA GLY C 262 8.68 15.52 -16.50
C GLY C 262 9.33 14.21 -16.88
N ARG C 263 10.04 14.19 -18.02
CA ARG C 263 10.74 13.00 -18.52
C ARG C 263 11.94 12.64 -17.68
N TYR C 264 12.31 11.35 -17.69
CA TYR C 264 13.59 10.89 -17.12
C TYR C 264 13.79 11.27 -15.67
N CYS C 265 12.72 11.24 -14.90
CA CYS C 265 12.84 11.44 -13.49
C CYS C 265 12.99 10.10 -12.80
N MET C 266 13.49 10.18 -11.59
CA MET C 266 13.72 9.02 -10.77
C MET C 266 13.31 9.42 -9.40
N ILE C 267 12.20 8.87 -8.95
CA ILE C 267 11.63 9.23 -7.68
C ILE C 267 11.86 8.13 -6.67
N GLY C 268 12.79 8.39 -5.74
CA GLY C 268 13.08 7.50 -4.62
C GLY C 268 11.90 6.87 -3.91
N GLY C 269 12.07 5.63 -3.48
CA GLY C 269 11.05 4.96 -2.69
C GLY C 269 10.45 5.76 -1.55
N ALA C 270 9.15 5.61 -1.30
CA ALA C 270 8.53 6.23 -0.13
C ALA C 270 8.47 7.76 -0.12
N SER C 271 8.78 8.40 -1.24
CA SER C 271 8.66 9.86 -1.29
C SER C 271 7.21 10.28 -1.40
N VAL C 272 6.93 11.44 -0.81
CA VAL C 272 5.60 11.99 -0.76
C VAL C 272 5.66 13.29 -1.50
N ILE C 273 4.83 13.43 -2.51
CA ILE C 273 4.94 14.60 -3.38
C ILE C 273 3.64 15.40 -3.37
N ASN C 274 3.75 16.70 -3.07
CA ASN C 274 2.59 17.61 -3.09
C ASN C 274 1.92 17.66 -4.44
N GLY C 275 0.69 18.15 -4.45
CA GLY C 275 -0.10 18.21 -5.67
C GLY C 275 -0.07 19.58 -6.31
N HIS C 276 -0.55 19.62 -7.53
CA HIS C 276 -0.76 20.87 -8.23
C HIS C 276 0.56 21.63 -8.28
N MET C 277 1.51 21.02 -8.96
CA MET C 277 2.90 21.37 -8.78
C MET C 277 3.57 20.72 -9.97
N GLU C 278 4.63 21.31 -10.48
CA GLU C 278 5.38 20.64 -11.51
C GLU C 278 6.77 20.34 -11.03
N ILE C 279 7.26 19.20 -11.52
CA ILE C 279 8.64 18.78 -11.35
C ILE C 279 9.23 18.68 -12.74
N CYS C 280 10.32 19.41 -12.98
CA CYS C 280 10.98 19.44 -14.28
C CYS C 280 11.61 18.12 -14.73
N ASP C 281 12.11 18.13 -15.95
CA ASP C 281 12.79 16.97 -16.53
C ASP C 281 14.03 16.65 -15.73
N LYS C 282 14.42 15.38 -15.79
CA LYS C 282 15.70 14.93 -15.25
C LYS C 282 15.95 15.31 -13.78
N VAL C 283 14.96 15.06 -12.94
CA VAL C 283 15.15 15.32 -11.52
C VAL C 283 15.22 14.01 -10.74
N THR C 284 16.12 13.92 -9.77
CA THR C 284 16.09 12.80 -8.84
C THR C 284 15.72 13.23 -7.45
N VAL C 285 14.70 12.60 -6.89
CA VAL C 285 14.35 12.78 -5.50
C VAL C 285 14.79 11.52 -4.84
N THR C 286 15.63 11.66 -3.83
CA THR C 286 16.20 10.49 -3.19
C THR C 286 15.18 9.92 -2.24
N GLY C 287 15.46 8.71 -1.74
CA GLY C 287 14.51 7.93 -0.96
C GLY C 287 13.82 8.71 0.15
N MET C 288 12.54 8.42 0.36
CA MET C 288 11.78 9.06 1.41
C MET C 288 11.72 10.60 1.33
N GLY C 289 11.92 11.16 0.15
CA GLY C 289 11.89 12.61 -0.04
C GLY C 289 10.56 13.28 0.29
N MET C 290 10.62 14.39 1.00
CA MET C 290 9.41 15.17 1.28
C MET C 290 9.31 16.31 0.28
N VAL C 291 8.57 16.12 -0.80
CA VAL C 291 8.50 17.14 -1.86
C VAL C 291 7.28 18.05 -1.69
N MET C 292 7.56 19.23 -1.15
CA MET C 292 6.53 20.17 -0.74
C MET C 292 6.41 21.27 -1.77
N ARG C 293 7.56 21.69 -2.32
CA ARG C 293 7.67 22.81 -3.25
C ARG C 293 8.07 22.38 -4.68
N PRO C 294 7.61 23.11 -5.71
CA PRO C 294 7.91 22.84 -7.13
C PRO C 294 9.41 22.75 -7.43
N ILE C 295 9.79 21.81 -8.29
CA ILE C 295 11.19 21.69 -8.73
C ILE C 295 11.45 22.20 -10.17
N THR C 296 12.28 23.24 -10.24
CA THR C 296 12.47 23.98 -11.48
C THR C 296 13.88 23.85 -12.03
N GLU C 297 14.64 22.87 -11.56
CA GLU C 297 16.00 22.70 -12.06
C GLU C 297 16.42 21.26 -11.89
N PRO C 298 17.05 20.69 -12.92
CA PRO C 298 17.50 19.29 -12.82
C PRO C 298 18.51 19.10 -11.69
N GLY C 299 18.68 17.85 -11.31
CA GLY C 299 19.61 17.50 -10.26
C GLY C 299 18.96 16.61 -9.23
N VAL C 300 19.65 16.48 -8.09
CA VAL C 300 19.27 15.56 -7.02
C VAL C 300 18.83 16.30 -5.78
N TYR C 301 17.76 15.80 -5.18
CA TYR C 301 17.16 16.46 -4.04
C TYR C 301 16.93 15.45 -2.96
N SER C 302 17.19 15.84 -1.72
CA SER C 302 17.02 14.90 -0.64
C SER C 302 16.38 15.53 0.58
N SER C 303 15.94 14.67 1.48
CA SER C 303 15.17 15.10 2.62
C SER C 303 15.41 14.16 3.80
N GLY C 304 15.24 14.67 5.01
CA GLY C 304 15.17 13.82 6.19
C GLY C 304 16.48 13.44 6.86
N ILE C 305 16.38 13.16 8.16
CA ILE C 305 17.55 12.75 8.92
C ILE C 305 17.61 11.24 8.99
N PRO C 306 18.80 10.67 8.80
CA PRO C 306 19.07 9.21 8.93
C PRO C 306 19.05 8.64 10.37
N LEU C 307 19.02 7.33 10.46
CA LEU C 307 19.00 6.64 11.72
C LEU C 307 20.09 7.01 12.65
N GLN C 308 19.78 6.95 13.92
CA GLN C 308 20.78 7.04 14.97
C GLN C 308 20.29 6.14 16.08
N PRO C 309 21.21 5.54 16.83
CA PRO C 309 20.83 4.75 18.01
C PRO C 309 19.96 5.57 18.94
N ASN C 310 18.92 4.94 19.49
CA ASN C 310 17.88 5.62 20.26
C ASN C 310 18.38 6.66 21.26
N LYS C 311 19.43 6.29 21.99
CA LYS C 311 20.04 7.17 22.99
C LYS C 311 20.41 8.50 22.34
N VAL C 312 21.23 8.45 21.28
CA VAL C 312 21.58 9.64 20.51
C VAL C 312 20.33 10.34 19.98
N TRP C 313 19.50 9.59 19.24
CA TRP C 313 18.28 10.15 18.67
C TRP C 313 17.50 11.06 19.61
N ARG C 314 17.24 10.61 20.82
CA ARG C 314 16.32 11.40 21.65
C ARG C 314 16.91 12.76 21.98
N LYS C 315 18.22 12.76 22.23
CA LYS C 315 18.97 13.97 22.50
C LYS C 315 18.89 14.91 21.31
N THR C 316 19.22 14.38 20.13
CA THR C 316 19.11 15.13 18.89
C THR C 316 17.71 15.69 18.67
N ALA C 317 16.70 14.85 18.78
CA ALA C 317 15.34 15.28 18.53
C ALA C 317 14.82 16.33 19.52
N ALA C 318 15.23 16.23 20.78
CA ALA C 318 14.89 17.27 21.76
C ALA C 318 15.53 18.60 21.39
N LEU C 319 16.82 18.54 21.02
CA LEU C 319 17.60 19.71 20.64
C LEU C 319 17.08 20.40 19.37
N VAL C 320 16.73 19.60 18.38
CA VAL C 320 16.14 20.10 17.16
C VAL C 320 14.80 20.84 17.38
N MET C 321 13.96 20.34 18.26
CA MET C 321 12.79 21.08 18.69
C MET C 321 13.31 22.19 19.62
N ASN C 322 12.64 23.33 19.64
CA ASN C 322 13.23 24.56 20.22
C ASN C 322 14.70 24.83 19.88
N ILE C 323 15.03 24.79 18.60
CA ILE C 323 16.24 25.41 18.11
C ILE C 323 15.98 26.89 18.16
N ASP C 324 14.72 27.26 18.32
CA ASP C 324 14.43 28.66 18.48
C ASP C 324 15.07 29.13 19.78
N ASP C 325 15.27 28.19 20.71
CA ASP C 325 16.01 28.51 21.91
C ASP C 325 17.47 28.80 21.55
N MET C 326 18.12 27.84 20.92
CA MET C 326 19.50 28.04 20.48
C MET C 326 19.71 29.26 19.56
N SER C 327 18.75 29.51 18.67
CA SER C 327 18.83 30.62 17.73
C SER C 327 18.89 31.95 18.48
N LYS C 328 17.96 32.12 19.41
CA LYS C 328 17.88 33.31 20.24
C LYS C 328 19.11 33.45 21.13
N ARG C 329 19.54 32.36 21.73
CA ARG C 329 20.69 32.44 22.62
C ARG C 329 21.95 32.85 21.87
N LEU C 330 22.13 32.32 20.67
CA LEU C 330 23.27 32.71 19.85
C LEU C 330 23.16 34.18 19.53
N LYS C 331 21.96 34.61 19.16
CA LYS C 331 21.70 36.02 18.85
C LYS C 331 21.90 36.86 20.11
N SER C 332 21.49 36.33 21.26
CA SER C 332 21.65 37.07 22.49
C SER C 332 23.11 37.16 22.88
N LEU C 333 23.88 36.10 22.59
CA LEU C 333 25.30 36.07 22.90
C LEU C 333 26.12 37.03 22.02
N GLU C 334 26.01 36.88 20.71
CA GLU C 334 26.74 37.76 19.79
C GLU C 334 26.31 39.22 19.95
N ARG C 335 25.19 39.45 20.62
CA ARG C 335 24.72 40.82 20.87
C ARG C 335 25.58 41.48 21.93
N LYS C 336 25.87 40.75 23.01
CA LYS C 336 26.66 41.27 24.10
C LYS C 336 28.15 41.36 23.74
N VAL C 337 28.62 40.42 22.94
CA VAL C 337 30.03 40.35 22.60
C VAL C 337 30.48 41.48 21.67
N ASN C 338 29.89 41.55 20.49
CA ASN C 338 30.32 42.50 19.49
C ASN C 338 29.95 43.91 19.87
N GLN C 339 28.67 44.12 20.15
CA GLN C 339 28.10 45.44 20.37
C GLN C 339 28.68 46.14 21.60
N GLN C 340 29.04 45.34 22.61
CA GLN C 340 29.37 45.87 23.92
C GLN C 340 30.88 45.88 24.24
N ASP C 341 31.58 44.87 23.74
CA ASP C 341 33.03 44.72 24.00
C ASP C 341 33.29 44.08 25.36
#